data_1KOL
#
_entry.id   1KOL
#
_cell.length_a   85.686
_cell.length_b   85.686
_cell.length_c   190.752
_cell.angle_alpha   90.00
_cell.angle_beta   90.00
_cell.angle_gamma   120.00
#
_symmetry.space_group_name_H-M   'P 31 1 2'
#
loop_
_entity.id
_entity.type
_entity.pdbx_description
1 polymer 'formaldehyde dehydrogenase'
2 non-polymer 'ZINC ION'
3 non-polymer 'SULFATE ION'
4 non-polymer NICOTINAMIDE-ADENINE-DINUCLEOTIDE
5 water water
#
_entity_poly.entity_id   1
_entity_poly.type   'polypeptide(L)'
_entity_poly.pdbx_seq_one_letter_code
;SGNRGVVYLGSGKVEVQKIDYPKMQDPRGKKIEHGVILKVVSTNICGSDQHMVRGRTTAQVGLVLGHEITGEVIEKGRDV
ENLQIGDLVSVPFNVACGRCRSCKEMHTGVCLTVNPARAGGAYGYVDMGDWTGGQAEYVLVPYADFNLLKLPDRDKAMEK
IRDLTCLSDILPTGYHGAVTAGVGPGSTVYVAGAGPVGLAAAASARLLGAAVVIVGDLNPARLAHAKAQGFEIADLSLDT
PLHEQIAALLGEPEVDCAVDAVGFEARGHGHEGAKHEAPATVLNSLMQVTRVAGKIGIPGLYVTEDPGAVDAAAKIGSLS
IRFGLGWAKSHSFHTGQTPVMKYNRALMQAIMWDRINIAEVVGVQVISLDDAPRGYGEFDAGVPKKFVIDPHKTFSAA
;
_entity_poly.pdbx_strand_id   A,B
#
loop_
_chem_comp.id
_chem_comp.type
_chem_comp.name
_chem_comp.formula
NAD non-polymer NICOTINAMIDE-ADENINE-DINUCLEOTIDE 'C21 H27 N7 O14 P2'
SO4 non-polymer 'SULFATE ION' 'O4 S -2'
ZN non-polymer 'ZINC ION' 'Zn 2'
#
# COMPACT_ATOMS: atom_id res chain seq x y z
N GLY A 2 27.98 20.77 -28.97
CA GLY A 2 28.89 19.77 -28.36
C GLY A 2 28.19 19.07 -27.17
N ASN A 3 29.00 18.38 -26.40
CA ASN A 3 28.51 17.64 -25.23
C ASN A 3 29.68 17.46 -24.25
N ARG A 4 29.33 17.20 -23.00
CA ARG A 4 30.38 16.88 -22.03
C ARG A 4 29.71 16.01 -20.96
N GLY A 5 30.54 15.21 -20.31
CA GLY A 5 29.94 14.31 -19.31
C GLY A 5 31.03 13.85 -18.33
N VAL A 6 30.57 13.06 -17.35
CA VAL A 6 31.44 12.52 -16.32
C VAL A 6 32.09 11.22 -16.80
N VAL A 7 33.41 11.24 -16.87
CA VAL A 7 34.16 10.07 -17.35
C VAL A 7 34.96 9.42 -16.24
N TYR A 8 34.84 8.11 -16.14
CA TYR A 8 35.60 7.32 -15.19
C TYR A 8 37.06 7.23 -15.64
N LEU A 9 38.00 7.58 -14.77
CA LEU A 9 39.41 7.57 -15.15
C LEU A 9 40.23 6.46 -14.53
N GLY A 10 39.63 5.68 -13.66
CA GLY A 10 40.37 4.62 -12.97
C GLY A 10 40.98 5.20 -11.70
N SER A 11 41.37 4.33 -10.79
CA SER A 11 41.96 4.71 -9.51
C SER A 11 41.10 5.66 -8.68
N GLY A 12 39.79 5.43 -8.68
CA GLY A 12 38.83 6.19 -7.90
C GLY A 12 38.57 7.61 -8.37
N LYS A 13 39.00 7.96 -9.59
CA LYS A 13 38.83 9.31 -10.08
C LYS A 13 37.81 9.41 -11.20
N VAL A 14 37.09 10.53 -11.22
CA VAL A 14 36.23 10.86 -12.35
C VAL A 14 36.57 12.30 -12.75
N GLU A 15 36.21 12.65 -13.97
CA GLU A 15 36.43 14.02 -14.42
C GLU A 15 35.47 14.35 -15.56
N VAL A 16 35.04 15.61 -15.58
CA VAL A 16 34.18 16.06 -16.67
C VAL A 16 35.04 16.29 -17.90
N GLN A 17 34.62 15.75 -19.03
CA GLN A 17 35.37 15.89 -20.26
C GLN A 17 34.39 16.15 -21.41
N LYS A 18 34.94 16.72 -22.48
CA LYS A 18 34.12 16.88 -23.68
C LYS A 18 33.89 15.49 -24.26
N ILE A 19 32.65 15.17 -24.63
CA ILE A 19 32.35 13.85 -25.19
C ILE A 19 31.55 14.05 -26.46
N ASP A 20 31.37 13.00 -27.27
CA ASP A 20 30.61 13.17 -28.50
C ASP A 20 29.15 13.56 -28.26
N TYR A 21 28.59 14.38 -29.14
CA TYR A 21 27.16 14.67 -29.09
C TYR A 21 26.48 13.36 -29.45
N PRO A 22 25.34 13.05 -28.84
CA PRO A 22 24.66 11.78 -29.12
C PRO A 22 24.24 11.65 -30.56
N LYS A 23 24.20 10.40 -31.04
CA LYS A 23 23.73 10.10 -32.38
C LYS A 23 22.56 9.14 -32.26
N MET A 24 21.72 9.15 -33.28
CA MET A 24 20.58 8.20 -33.31
C MET A 24 21.02 6.83 -33.80
N GLN A 25 21.77 6.12 -32.99
CA GLN A 25 22.25 4.79 -33.32
C GLN A 25 22.47 4.02 -32.03
N ASP A 26 22.55 2.70 -32.15
CA ASP A 26 22.81 1.89 -30.97
C ASP A 26 24.32 1.89 -30.74
N PRO A 27 24.77 1.22 -29.71
CA PRO A 27 26.17 1.20 -29.34
C PRO A 27 27.01 0.41 -30.34
N ARG A 28 26.37 -0.39 -31.19
CA ARG A 28 27.08 -1.12 -32.21
C ARG A 28 27.17 -0.31 -33.51
N GLY A 29 26.64 0.91 -33.52
CA GLY A 29 26.69 1.82 -34.63
C GLY A 29 25.52 1.77 -35.59
N LYS A 30 24.56 0.90 -35.34
CA LYS A 30 23.39 0.75 -36.20
C LYS A 30 22.37 1.86 -35.97
N LYS A 31 22.06 2.62 -37.01
CA LYS A 31 21.10 3.73 -36.91
C LYS A 31 19.74 3.27 -36.43
N ILE A 32 19.09 4.09 -35.58
CA ILE A 32 17.77 3.72 -35.08
C ILE A 32 16.80 4.87 -35.33
N GLU A 33 15.51 4.59 -35.51
CA GLU A 33 14.48 5.61 -35.67
C GLU A 33 13.55 5.70 -34.45
N HIS A 34 13.77 4.82 -33.47
CA HIS A 34 12.87 4.81 -32.33
C HIS A 34 13.39 5.56 -31.11
N GLY A 35 14.47 6.32 -31.25
CA GLY A 35 15.01 7.04 -30.09
C GLY A 35 14.83 8.55 -30.14
N VAL A 36 15.13 9.15 -28.98
CA VAL A 36 15.11 10.61 -28.86
C VAL A 36 16.46 11.04 -28.32
N ILE A 37 16.80 12.32 -28.56
CA ILE A 37 17.98 12.91 -27.94
C ILE A 37 17.43 13.93 -26.94
N LEU A 38 17.91 13.82 -25.70
CA LEU A 38 17.43 14.74 -24.68
C LEU A 38 18.49 15.81 -24.35
N LYS A 39 17.98 16.99 -24.03
CA LYS A 39 18.78 17.98 -23.30
C LYS A 39 18.59 17.60 -21.82
N VAL A 40 19.66 17.26 -21.12
CA VAL A 40 19.50 16.79 -19.73
C VAL A 40 19.11 17.89 -18.76
N VAL A 41 17.99 17.69 -18.06
CA VAL A 41 17.48 18.65 -17.08
C VAL A 41 18.07 18.33 -15.72
N SER A 42 17.97 17.07 -15.28
CA SER A 42 18.55 16.69 -14.00
C SER A 42 19.12 15.28 -14.19
N THR A 43 20.26 15.04 -13.59
CA THR A 43 20.91 13.72 -13.75
C THR A 43 21.68 13.39 -12.50
N ASN A 44 21.36 12.27 -11.84
CA ASN A 44 21.90 12.02 -10.50
C ASN A 44 23.09 11.09 -10.45
N ILE A 45 23.72 11.05 -9.27
CA ILE A 45 24.82 10.13 -8.97
C ILE A 45 24.31 9.01 -8.07
N CYS A 46 24.58 7.76 -8.46
CA CYS A 46 24.10 6.61 -7.70
C CYS A 46 25.14 5.83 -6.97
N GLY A 47 24.74 5.05 -5.95
CA GLY A 47 25.60 4.12 -5.26
C GLY A 47 26.18 3.09 -6.23
N SER A 48 25.44 2.72 -7.29
CA SER A 48 26.00 1.83 -8.30
C SER A 48 27.18 2.49 -8.98
N ASP A 49 27.12 3.80 -9.22
CA ASP A 49 28.26 4.49 -9.83
C ASP A 49 29.46 4.45 -8.91
N GLN A 50 29.21 4.62 -7.60
CA GLN A 50 30.28 4.53 -6.62
C GLN A 50 30.94 3.16 -6.62
N HIS A 51 30.17 2.06 -6.78
CA HIS A 51 30.82 0.76 -6.88
C HIS A 51 31.81 0.76 -8.05
N MET A 52 31.43 1.29 -9.20
CA MET A 52 32.31 1.34 -10.36
C MET A 52 33.51 2.25 -10.13
N VAL A 53 33.28 3.44 -9.61
CA VAL A 53 34.39 4.37 -9.35
C VAL A 53 35.35 3.83 -8.30
N ARG A 54 34.92 3.01 -7.34
CA ARG A 54 35.80 2.38 -6.37
C ARG A 54 36.59 1.21 -6.94
N GLY A 55 36.35 0.79 -8.17
CA GLY A 55 37.07 -0.29 -8.82
C GLY A 55 36.59 -1.67 -8.39
N ARG A 56 35.31 -1.76 -8.01
CA ARG A 56 34.73 -3.01 -7.55
C ARG A 56 33.95 -3.72 -8.64
N THR A 57 34.12 -3.26 -9.88
CA THR A 57 33.50 -3.90 -11.02
C THR A 57 34.55 -3.99 -12.13
N THR A 58 34.10 -4.46 -13.28
CA THR A 58 34.90 -4.62 -14.48
C THR A 58 34.87 -3.38 -15.36
N ALA A 59 34.28 -2.29 -14.87
CA ALA A 59 34.22 -1.04 -15.62
C ALA A 59 35.59 -0.61 -16.15
N GLN A 60 35.59 -0.17 -17.42
CA GLN A 60 36.83 0.24 -18.07
C GLN A 60 37.04 1.74 -18.04
N VAL A 61 38.30 2.14 -17.99
CA VAL A 61 38.68 3.55 -18.06
C VAL A 61 38.06 4.13 -19.33
N GLY A 62 37.49 5.32 -19.25
CA GLY A 62 36.85 5.95 -20.41
C GLY A 62 35.33 5.90 -20.36
N LEU A 63 34.78 5.12 -19.44
CA LEU A 63 33.33 4.98 -19.32
C LEU A 63 32.65 6.31 -18.99
N VAL A 64 31.69 6.71 -19.81
CA VAL A 64 30.88 7.88 -19.49
C VAL A 64 29.79 7.41 -18.51
N LEU A 65 29.73 8.04 -17.34
CA LEU A 65 28.76 7.61 -16.32
C LEU A 65 27.42 8.29 -16.35
N GLY A 66 26.43 7.67 -15.66
CA GLY A 66 25.13 8.25 -15.45
C GLY A 66 23.96 7.46 -15.99
N HIS A 67 23.04 7.07 -15.09
CA HIS A 67 21.88 6.32 -15.59
C HIS A 67 20.63 6.83 -14.90
N GLU A 68 20.66 8.08 -14.42
CA GLU A 68 19.49 8.62 -13.70
C GLU A 68 19.08 9.96 -14.29
N ILE A 69 18.46 9.90 -15.44
CA ILE A 69 18.22 11.06 -16.29
C ILE A 69 16.78 11.52 -16.29
N THR A 70 16.60 12.85 -16.29
CA THR A 70 15.34 13.53 -16.53
C THR A 70 15.68 14.60 -17.57
N GLY A 71 14.91 14.72 -18.64
CA GLY A 71 15.36 15.63 -19.70
C GLY A 71 14.23 16.07 -20.60
N GLU A 72 14.58 16.93 -21.56
CA GLU A 72 13.65 17.52 -22.51
C GLU A 72 13.92 16.96 -23.91
N VAL A 73 12.89 16.54 -24.60
CA VAL A 73 13.10 15.96 -25.94
C VAL A 73 13.51 17.08 -26.91
N ILE A 74 14.67 16.97 -27.52
CA ILE A 74 15.07 18.02 -28.48
C ILE A 74 15.17 17.46 -29.89
N GLU A 75 15.19 16.14 -30.03
CA GLU A 75 15.21 15.51 -31.34
C GLU A 75 14.51 14.15 -31.23
N LYS A 76 13.84 13.75 -32.29
CA LYS A 76 13.21 12.42 -32.22
C LYS A 76 13.33 11.70 -33.55
N GLY A 77 13.43 10.37 -33.50
CA GLY A 77 13.44 9.58 -34.73
C GLY A 77 12.03 9.53 -35.29
N ARG A 78 11.87 8.83 -36.42
CA ARG A 78 10.60 8.70 -37.10
C ARG A 78 9.70 7.58 -36.60
N ASP A 79 10.22 6.78 -35.69
CA ASP A 79 9.44 5.70 -35.07
C ASP A 79 9.17 6.09 -33.61
N VAL A 80 8.87 7.35 -33.40
CA VAL A 80 8.57 7.92 -32.08
C VAL A 80 7.23 8.59 -32.25
N GLU A 81 6.17 7.94 -31.79
CA GLU A 81 4.80 8.40 -31.95
C GLU A 81 4.27 9.21 -30.78
N ASN A 82 4.85 9.07 -29.58
CA ASN A 82 4.20 9.60 -28.41
C ASN A 82 4.89 10.78 -27.77
N LEU A 83 6.03 11.17 -28.28
CA LEU A 83 6.76 12.30 -27.70
C LEU A 83 6.86 13.42 -28.73
N GLN A 84 6.78 14.64 -28.22
CA GLN A 84 6.94 15.82 -29.08
C GLN A 84 8.16 16.59 -28.63
N ILE A 85 8.74 17.35 -29.55
CA ILE A 85 9.87 18.20 -29.14
C ILE A 85 9.38 19.11 -28.02
N GLY A 86 10.18 19.24 -26.97
CA GLY A 86 9.80 20.09 -25.84
C GLY A 86 9.28 19.32 -24.64
N ASP A 87 8.85 18.07 -24.86
CA ASP A 87 8.33 17.28 -23.74
C ASP A 87 9.38 17.00 -22.69
N LEU A 88 8.93 17.05 -21.43
CA LEU A 88 9.80 16.74 -20.28
C LEU A 88 9.55 15.27 -19.92
N VAL A 89 10.62 14.49 -19.79
CA VAL A 89 10.48 13.06 -19.57
C VAL A 89 11.41 12.56 -18.48
N SER A 90 10.90 11.54 -17.76
CA SER A 90 11.73 10.78 -16.82
C SER A 90 12.21 9.53 -17.57
N VAL A 91 13.50 9.26 -17.48
CA VAL A 91 14.07 8.09 -18.18
C VAL A 91 14.36 6.99 -17.19
N PRO A 92 13.70 5.83 -17.34
CA PRO A 92 14.04 4.70 -16.49
C PRO A 92 15.50 4.33 -16.69
N PHE A 93 16.25 3.93 -15.64
CA PHE A 93 17.65 3.60 -15.88
C PHE A 93 17.78 2.37 -16.77
N ASN A 94 16.79 1.47 -16.79
CA ASN A 94 16.92 0.28 -17.65
C ASN A 94 16.69 0.68 -19.10
N VAL A 95 17.58 0.20 -19.98
CA VAL A 95 17.40 0.34 -21.42
C VAL A 95 16.60 -0.91 -21.83
N ALA A 96 15.41 -0.69 -22.34
CA ALA A 96 14.53 -1.82 -22.66
C ALA A 96 13.96 -1.58 -24.05
N CYS A 97 13.64 -2.67 -24.75
CA CYS A 97 13.18 -2.54 -26.13
C CYS A 97 11.69 -2.47 -26.26
N GLY A 98 10.90 -3.22 -25.50
CA GLY A 98 9.45 -3.28 -25.57
C GLY A 98 9.02 -4.22 -26.71
N ARG A 99 9.99 -5.02 -27.15
CA ARG A 99 9.84 -5.87 -28.35
C ARG A 99 10.49 -7.23 -28.14
N CYS A 100 10.51 -7.70 -26.89
CA CYS A 100 11.09 -9.02 -26.57
C CYS A 100 10.24 -9.62 -25.44
N ARG A 101 10.48 -10.88 -25.13
CA ARG A 101 9.69 -11.58 -24.12
C ARG A 101 9.79 -10.91 -22.76
N SER A 102 11.01 -10.53 -22.37
CA SER A 102 11.19 -9.92 -21.05
C SER A 102 10.38 -8.63 -20.95
N CYS A 103 10.55 -7.77 -21.96
CA CYS A 103 9.84 -6.48 -21.91
C CYS A 103 8.33 -6.64 -21.90
N LYS A 104 7.82 -7.55 -22.75
CA LYS A 104 6.38 -7.78 -22.83
C LYS A 104 5.80 -8.31 -21.52
N GLU A 105 6.60 -9.10 -20.81
CA GLU A 105 6.18 -9.63 -19.52
C GLU A 105 6.51 -8.71 -18.37
N MET A 106 6.91 -7.47 -18.69
CA MET A 106 7.22 -6.41 -17.77
C MET A 106 8.51 -6.60 -17.01
N HIS A 107 9.43 -7.44 -17.47
CA HIS A 107 10.74 -7.64 -16.87
C HIS A 107 11.75 -6.78 -17.64
N THR A 108 11.48 -5.47 -17.51
CA THR A 108 12.28 -4.48 -18.24
C THR A 108 13.67 -4.25 -17.71
N GLY A 109 14.04 -4.86 -16.60
CA GLY A 109 15.42 -4.81 -16.11
C GLY A 109 16.29 -5.85 -16.82
N VAL A 110 15.63 -6.83 -17.46
CA VAL A 110 16.38 -7.90 -18.13
C VAL A 110 15.96 -8.05 -19.58
N CYS A 111 15.92 -6.94 -20.34
CA CYS A 111 15.60 -6.97 -21.77
C CYS A 111 16.60 -7.86 -22.52
N LEU A 112 16.08 -8.62 -23.48
CA LEU A 112 16.90 -9.63 -24.16
C LEU A 112 17.61 -9.15 -25.40
N THR A 113 17.36 -7.93 -25.85
CA THR A 113 17.94 -7.51 -27.11
C THR A 113 18.89 -6.32 -27.09
N VAL A 114 18.89 -5.54 -26.02
CA VAL A 114 19.74 -4.34 -26.00
C VAL A 114 21.18 -4.53 -25.61
N ASN A 115 21.54 -5.72 -25.14
CA ASN A 115 22.88 -6.00 -24.65
C ASN A 115 23.35 -7.33 -25.19
N PRO A 116 24.37 -7.32 -26.06
CA PRO A 116 24.89 -8.54 -26.64
C PRO A 116 25.46 -9.54 -25.65
N ALA A 117 25.90 -9.11 -24.48
CA ALA A 117 26.62 -9.98 -23.55
C ALA A 117 25.73 -10.72 -22.57
N ARG A 118 24.61 -10.11 -22.21
CA ARG A 118 23.69 -10.72 -21.24
C ARG A 118 22.36 -9.98 -21.29
N ALA A 119 21.31 -10.53 -20.68
CA ALA A 119 20.04 -9.79 -20.64
C ALA A 119 20.21 -8.58 -19.73
N GLY A 120 19.49 -7.53 -20.05
CA GLY A 120 19.47 -6.30 -19.27
C GLY A 120 20.37 -5.22 -19.84
N GLY A 121 19.86 -3.99 -19.88
CA GLY A 121 20.67 -2.87 -20.37
C GLY A 121 20.46 -1.68 -19.43
N ALA A 122 21.43 -0.76 -19.49
CA ALA A 122 21.34 0.45 -18.64
C ALA A 122 22.37 1.43 -19.20
N TYR A 123 22.21 2.71 -18.93
CA TYR A 123 23.13 3.74 -19.41
C TYR A 123 24.37 3.80 -18.54
N GLY A 124 25.52 4.04 -19.13
CA GLY A 124 26.78 4.23 -18.40
C GLY A 124 27.06 3.23 -17.31
N TYR A 125 26.96 1.95 -17.62
CA TYR A 125 27.00 0.91 -16.60
C TYR A 125 27.72 -0.32 -17.13
N VAL A 126 28.56 -0.90 -16.30
CA VAL A 126 29.25 -2.15 -16.56
C VAL A 126 28.32 -3.30 -16.90
N ASP A 127 28.65 -4.07 -17.93
CA ASP A 127 27.92 -5.23 -18.41
C ASP A 127 26.49 -4.96 -18.85
N MET A 128 26.21 -3.74 -19.32
CA MET A 128 24.82 -3.37 -19.59
C MET A 128 24.57 -2.87 -21.00
N GLY A 129 25.42 -3.31 -21.95
CA GLY A 129 25.14 -3.03 -23.35
C GLY A 129 25.83 -1.83 -23.96
N ASP A 130 26.68 -1.17 -23.20
CA ASP A 130 27.47 -0.04 -23.71
C ASP A 130 26.67 1.16 -24.18
N TRP A 131 25.50 1.38 -23.63
CA TRP A 131 24.67 2.54 -23.91
C TRP A 131 25.32 3.71 -23.16
N THR A 132 25.59 4.80 -23.86
CA THR A 132 26.33 5.90 -23.23
C THR A 132 25.61 6.51 -22.02
N GLY A 133 26.40 6.80 -20.99
CA GLY A 133 25.87 7.43 -19.78
C GLY A 133 25.34 8.82 -19.97
N GLY A 134 24.52 9.24 -19.00
CA GLY A 134 23.79 10.47 -18.99
C GLY A 134 24.12 11.48 -17.89
N GLN A 135 25.24 11.37 -17.20
CA GLN A 135 25.73 12.47 -16.34
C GLN A 135 26.43 13.41 -17.33
N ALA A 136 25.61 14.13 -18.07
CA ALA A 136 26.08 14.87 -19.24
C ALA A 136 25.07 15.91 -19.67
N GLU A 137 25.44 16.69 -20.68
CA GLU A 137 24.54 17.71 -21.18
C GLU A 137 23.43 17.14 -22.03
N TYR A 138 23.74 16.16 -22.88
CA TYR A 138 22.82 15.57 -23.83
C TYR A 138 22.94 14.05 -23.84
N VAL A 139 21.84 13.33 -24.09
CA VAL A 139 21.95 11.87 -24.11
C VAL A 139 20.87 11.27 -25.00
N LEU A 140 21.21 10.14 -25.62
CA LEU A 140 20.26 9.37 -26.42
C LEU A 140 19.49 8.37 -25.55
N VAL A 141 18.19 8.29 -25.79
CA VAL A 141 17.33 7.26 -25.20
C VAL A 141 16.69 6.50 -26.36
N PRO A 142 16.98 5.21 -26.47
CA PRO A 142 16.37 4.38 -27.53
C PRO A 142 14.97 3.93 -27.14
N TYR A 143 14.18 3.44 -28.07
CA TYR A 143 12.82 2.94 -27.83
C TYR A 143 12.05 3.90 -26.94
N ALA A 144 12.05 5.17 -27.33
CA ALA A 144 11.45 6.24 -26.54
C ALA A 144 9.99 6.06 -26.21
N ASP A 145 9.20 5.55 -27.14
CA ASP A 145 7.77 5.31 -26.88
C ASP A 145 7.59 4.20 -25.84
N PHE A 146 8.57 3.33 -25.66
CA PHE A 146 8.40 2.31 -24.63
C PHE A 146 8.97 2.81 -23.32
N ASN A 147 10.22 3.25 -23.30
CA ASN A 147 10.86 3.64 -22.06
C ASN A 147 10.39 4.90 -21.39
N LEU A 148 10.13 5.98 -22.11
CA LEU A 148 9.97 7.26 -21.42
C LEU A 148 8.66 7.50 -20.71
N LEU A 149 8.77 8.16 -19.56
CA LEU A 149 7.59 8.57 -18.79
C LEU A 149 7.43 10.09 -19.04
N LYS A 150 6.35 10.47 -19.67
CA LYS A 150 6.10 11.90 -19.90
C LYS A 150 5.69 12.53 -18.58
N LEU A 151 6.35 13.66 -18.26
CA LEU A 151 5.99 14.35 -17.01
C LEU A 151 4.92 15.38 -17.29
N PRO A 152 4.25 15.83 -16.22
CA PRO A 152 3.21 16.84 -16.32
C PRO A 152 3.70 18.10 -17.03
N ASP A 153 2.77 18.94 -17.49
CA ASP A 153 3.18 20.20 -18.14
C ASP A 153 4.35 20.81 -17.37
N ARG A 154 5.31 21.36 -18.11
CA ARG A 154 6.52 21.98 -17.62
C ARG A 154 6.48 22.57 -16.23
N ASP A 155 5.64 23.57 -16.01
CA ASP A 155 5.59 24.29 -14.74
C ASP A 155 5.28 23.43 -13.53
N LYS A 156 4.25 22.60 -13.57
CA LYS A 156 3.93 21.73 -12.45
C LYS A 156 5.13 20.84 -12.10
N ALA A 157 5.61 20.17 -13.14
CA ALA A 157 6.71 19.23 -13.03
C ALA A 157 7.98 19.89 -12.53
N MET A 158 8.32 21.07 -13.10
CA MET A 158 9.59 21.67 -12.70
C MET A 158 9.60 22.14 -11.25
N GLU A 159 8.47 22.49 -10.65
CA GLU A 159 8.43 22.87 -9.24
C GLU A 159 8.85 21.70 -8.35
N LYS A 160 8.51 20.49 -8.77
CA LYS A 160 8.85 19.27 -8.06
C LYS A 160 9.99 18.51 -8.72
N ILE A 161 10.85 19.17 -9.50
CA ILE A 161 11.95 18.47 -10.15
C ILE A 161 12.88 17.72 -9.23
N ARG A 162 13.17 18.18 -8.01
CA ARG A 162 14.01 17.43 -7.08
C ARG A 162 13.36 16.11 -6.64
N ASP A 163 12.03 16.07 -6.63
CA ASP A 163 11.34 14.81 -6.35
C ASP A 163 11.28 13.91 -7.60
N LEU A 164 10.90 14.56 -8.70
CA LEU A 164 10.69 13.80 -9.95
C LEU A 164 11.97 13.24 -10.51
N THR A 165 13.14 13.85 -10.24
CA THR A 165 14.41 13.28 -10.68
C THR A 165 14.71 11.94 -10.04
N CYS A 166 14.03 11.57 -8.95
CA CYS A 166 14.18 10.29 -8.29
C CYS A 166 13.39 9.17 -8.97
N LEU A 167 12.58 9.47 -9.96
CA LEU A 167 11.80 8.46 -10.66
C LEU A 167 12.63 7.64 -11.65
N SER A 168 13.80 8.12 -12.04
CA SER A 168 14.62 7.39 -13.00
C SER A 168 15.18 6.12 -12.40
N ASP A 169 15.31 6.07 -11.06
CA ASP A 169 15.98 4.93 -10.45
C ASP A 169 15.66 4.76 -8.99
N ILE A 170 16.13 5.68 -8.12
CA ILE A 170 16.06 5.33 -6.70
C ILE A 170 14.68 5.20 -6.08
N LEU A 171 13.70 5.99 -6.47
CA LEU A 171 12.38 5.80 -5.86
C LEU A 171 11.74 4.50 -6.31
N PRO A 172 11.71 4.20 -7.61
CA PRO A 172 11.23 2.90 -8.06
C PRO A 172 12.05 1.76 -7.50
N THR A 173 13.37 1.90 -7.28
CA THR A 173 14.21 0.85 -6.72
C THR A 173 13.89 0.58 -5.24
N GLY A 174 13.77 1.66 -4.46
CA GLY A 174 13.37 1.46 -3.05
C GLY A 174 11.98 0.81 -3.00
N TYR A 175 11.10 1.27 -3.88
CA TYR A 175 9.72 0.76 -3.94
C TYR A 175 9.72 -0.72 -4.28
N HIS A 176 10.52 -1.09 -5.28
CA HIS A 176 10.60 -2.51 -5.69
C HIS A 176 11.14 -3.36 -4.54
N GLY A 177 12.13 -2.84 -3.80
CA GLY A 177 12.65 -3.54 -2.63
C GLY A 177 11.53 -3.78 -1.61
N ALA A 178 10.77 -2.73 -1.30
CA ALA A 178 9.69 -2.86 -0.33
C ALA A 178 8.55 -3.75 -0.81
N VAL A 179 8.11 -3.60 -2.06
CA VAL A 179 7.01 -4.42 -2.55
C VAL A 179 7.41 -5.89 -2.59
N THR A 180 8.60 -6.16 -3.12
CA THR A 180 9.05 -7.56 -3.21
C THR A 180 9.38 -8.15 -1.84
N ALA A 181 9.59 -7.36 -0.81
CA ALA A 181 9.70 -7.85 0.57
C ALA A 181 8.32 -7.97 1.24
N GLY A 182 7.23 -7.72 0.52
CA GLY A 182 5.88 -7.88 0.99
C GLY A 182 5.36 -6.78 1.90
N VAL A 183 5.96 -5.59 1.80
CA VAL A 183 5.49 -4.49 2.66
C VAL A 183 4.11 -4.01 2.20
N GLY A 184 3.26 -3.76 3.18
CA GLY A 184 1.94 -3.19 2.95
C GLY A 184 1.49 -2.51 4.26
N PRO A 185 0.24 -2.08 4.26
CA PRO A 185 -0.33 -1.38 5.41
C PRO A 185 -0.13 -2.16 6.70
N GLY A 186 0.47 -1.52 7.70
CA GLY A 186 0.69 -2.16 8.98
C GLY A 186 1.94 -3.02 9.13
N SER A 187 2.70 -3.26 8.06
CA SER A 187 3.91 -4.06 8.16
C SER A 187 4.96 -3.42 9.08
N THR A 188 5.75 -4.24 9.75
CA THR A 188 6.98 -3.79 10.40
C THR A 188 8.09 -4.13 9.41
N VAL A 189 9.00 -3.17 9.20
CA VAL A 189 10.03 -3.34 8.16
C VAL A 189 11.43 -3.00 8.66
N TYR A 190 12.42 -3.81 8.26
CA TYR A 190 13.80 -3.43 8.51
C TYR A 190 14.46 -3.21 7.16
N VAL A 191 15.12 -2.05 6.98
CA VAL A 191 15.83 -1.73 5.75
C VAL A 191 17.31 -1.68 6.08
N ALA A 192 18.12 -2.55 5.49
CA ALA A 192 19.57 -2.43 5.76
C ALA A 192 20.14 -1.44 4.75
N GLY A 193 20.78 -0.41 5.29
CA GLY A 193 21.36 0.61 4.40
C GLY A 193 20.59 1.92 4.47
N ALA A 194 21.33 2.99 4.80
CA ALA A 194 20.76 4.32 4.91
C ALA A 194 21.35 5.27 3.87
N GLY A 195 21.80 4.71 2.74
CA GLY A 195 22.19 5.54 1.59
C GLY A 195 20.87 5.93 0.92
N PRO A 196 20.94 6.58 -0.21
CA PRO A 196 19.76 7.06 -0.91
C PRO A 196 18.77 5.95 -1.25
N VAL A 197 19.27 4.78 -1.64
CA VAL A 197 18.30 3.69 -1.96
C VAL A 197 17.65 3.16 -0.71
N GLY A 198 18.38 2.99 0.40
CA GLY A 198 17.75 2.55 1.64
C GLY A 198 16.73 3.55 2.14
N LEU A 199 17.08 4.86 2.03
CA LEU A 199 16.13 5.89 2.44
C LEU A 199 14.89 5.89 1.55
N ALA A 200 15.07 5.64 0.24
CA ALA A 200 13.93 5.59 -0.67
C ALA A 200 13.10 4.33 -0.35
N ALA A 201 13.77 3.25 0.03
CA ALA A 201 12.99 2.06 0.41
C ALA A 201 12.17 2.35 1.67
N ALA A 202 12.76 3.09 2.62
CA ALA A 202 12.00 3.42 3.85
C ALA A 202 10.84 4.33 3.52
N ALA A 203 11.07 5.35 2.66
CA ALA A 203 9.99 6.24 2.28
C ALA A 203 8.89 5.47 1.53
N SER A 204 9.33 4.51 0.70
CA SER A 204 8.38 3.71 -0.04
C SER A 204 7.56 2.79 0.88
N ALA A 205 8.23 2.23 1.89
CA ALA A 205 7.52 1.37 2.86
C ALA A 205 6.47 2.21 3.58
N ARG A 206 6.84 3.44 3.94
CA ARG A 206 5.90 4.35 4.61
C ARG A 206 4.73 4.69 3.70
N LEU A 207 5.01 4.97 2.42
CA LEU A 207 3.95 5.25 1.44
C LEU A 207 3.02 4.05 1.27
N LEU A 208 3.59 2.86 1.35
CA LEU A 208 2.84 1.60 1.27
C LEU A 208 1.98 1.36 2.49
N GLY A 209 2.17 2.13 3.56
CA GLY A 209 1.36 2.02 4.76
C GLY A 209 2.05 1.35 5.92
N ALA A 210 3.36 1.08 5.82
CA ALA A 210 4.04 0.37 6.90
C ALA A 210 3.78 1.00 8.25
N ALA A 211 3.61 0.15 9.27
CA ALA A 211 3.45 0.69 10.64
C ALA A 211 4.73 1.36 11.12
N VAL A 212 5.87 0.75 10.82
CA VAL A 212 7.15 1.27 11.26
C VAL A 212 8.28 0.72 10.42
N VAL A 213 9.23 1.57 10.11
CA VAL A 213 10.42 1.20 9.36
C VAL A 213 11.63 1.48 10.24
N ILE A 214 12.49 0.47 10.36
CA ILE A 214 13.75 0.57 11.06
C ILE A 214 14.86 0.56 10.00
N VAL A 215 15.69 1.59 9.97
CA VAL A 215 16.74 1.69 8.97
C VAL A 215 18.09 1.47 9.64
N GLY A 216 18.85 0.49 9.14
CA GLY A 216 20.13 0.17 9.76
C GLY A 216 21.31 0.65 8.92
N ASP A 217 22.37 1.05 9.64
CA ASP A 217 23.60 1.47 8.94
C ASP A 217 24.71 1.53 9.99
N LEU A 218 25.94 1.73 9.54
CA LEU A 218 27.06 1.94 10.45
C LEU A 218 27.42 3.41 10.43
N ASN A 219 26.97 4.11 9.40
CA ASN A 219 27.32 5.53 9.21
C ASN A 219 26.39 6.38 10.06
N PRO A 220 26.94 7.13 11.03
CA PRO A 220 26.12 7.87 11.95
C PRO A 220 25.47 9.11 11.38
N ALA A 221 25.99 9.67 10.30
CA ALA A 221 25.39 10.83 9.65
C ALA A 221 24.13 10.37 8.93
N ARG A 222 24.24 9.17 8.31
CA ARG A 222 23.06 8.66 7.57
C ARG A 222 22.00 8.21 8.57
N LEU A 223 22.40 7.66 9.72
CA LEU A 223 21.39 7.28 10.71
C LEU A 223 20.70 8.51 11.27
N ALA A 224 21.45 9.59 11.51
CA ALA A 224 20.84 10.81 12.05
C ALA A 224 19.81 11.35 11.05
N HIS A 225 20.20 11.35 9.76
CA HIS A 225 19.29 11.76 8.71
C HIS A 225 18.01 10.93 8.69
N ALA A 226 18.16 9.60 8.75
CA ALA A 226 16.98 8.74 8.73
C ALA A 226 16.06 9.02 9.92
N LYS A 227 16.65 9.19 11.09
CA LYS A 227 15.89 9.48 12.29
C LYS A 227 15.15 10.82 12.14
N ALA A 228 15.81 11.81 11.57
CA ALA A 228 15.19 13.12 11.39
C ALA A 228 14.04 13.11 10.40
N GLN A 229 14.07 12.16 9.48
CA GLN A 229 13.03 11.93 8.50
C GLN A 229 11.87 11.10 9.03
N GLY A 230 11.90 10.74 10.30
CA GLY A 230 10.82 10.07 10.97
C GLY A 230 10.91 8.55 11.03
N PHE A 231 12.03 7.97 10.63
CA PHE A 231 12.17 6.52 10.73
C PHE A 231 12.83 6.11 12.02
N GLU A 232 12.71 4.83 12.41
CA GLU A 232 13.50 4.31 13.52
C GLU A 232 14.85 3.84 12.97
N ILE A 233 15.86 3.71 13.84
CA ILE A 233 17.17 3.31 13.37
C ILE A 233 17.81 2.19 14.18
N ALA A 234 18.75 1.52 13.51
CA ALA A 234 19.59 0.52 14.17
C ALA A 234 21.03 0.82 13.78
N ASP A 235 21.93 0.90 14.76
CA ASP A 235 23.34 1.19 14.49
C ASP A 235 24.15 -0.09 14.58
N LEU A 236 24.59 -0.57 13.42
CA LEU A 236 25.30 -1.83 13.30
C LEU A 236 26.74 -1.76 13.77
N SER A 237 27.23 -0.57 14.10
CA SER A 237 28.58 -0.43 14.62
C SER A 237 28.57 -0.62 16.13
N LEU A 238 27.41 -0.68 16.77
CA LEU A 238 27.32 -0.97 18.19
C LEU A 238 27.58 -2.46 18.41
N ASP A 239 27.97 -2.82 19.64
CA ASP A 239 28.14 -4.26 19.91
C ASP A 239 26.77 -4.90 20.15
N THR A 240 25.75 -4.13 20.48
CA THR A 240 24.40 -4.64 20.66
C THR A 240 23.92 -5.30 19.37
N PRO A 241 23.57 -6.57 19.41
CA PRO A 241 23.12 -7.29 18.23
C PRO A 241 21.92 -6.60 17.59
N LEU A 242 21.82 -6.73 16.27
CA LEU A 242 20.68 -6.11 15.57
C LEU A 242 19.36 -6.61 16.08
N HIS A 243 19.19 -7.92 16.35
CA HIS A 243 17.92 -8.43 16.84
C HIS A 243 17.53 -7.82 18.19
N GLU A 244 18.50 -7.49 19.05
CA GLU A 244 18.20 -6.80 20.30
C GLU A 244 17.79 -5.35 20.07
N GLN A 245 18.41 -4.67 19.10
CA GLN A 245 18.01 -3.30 18.79
C GLN A 245 16.60 -3.28 18.21
N ILE A 246 16.26 -4.29 17.38
CA ILE A 246 14.89 -4.40 16.89
C ILE A 246 13.92 -4.71 18.03
N ALA A 247 14.26 -5.64 18.90
CA ALA A 247 13.39 -6.00 20.03
C ALA A 247 13.16 -4.81 20.96
N ALA A 248 14.16 -3.96 21.12
CA ALA A 248 13.96 -2.78 21.97
C ALA A 248 12.94 -1.84 21.38
N LEU A 249 12.81 -1.79 20.04
CA LEU A 249 11.86 -0.89 19.40
C LEU A 249 10.49 -1.52 19.24
N LEU A 250 10.44 -2.82 18.93
CA LEU A 250 9.17 -3.45 18.61
C LEU A 250 8.60 -4.43 19.63
N GLY A 251 9.39 -4.93 20.58
CA GLY A 251 8.83 -5.91 21.52
C GLY A 251 9.07 -7.34 21.07
N GLU A 252 9.64 -7.53 19.88
CA GLU A 252 10.00 -8.84 19.35
C GLU A 252 11.25 -8.63 18.50
N PRO A 253 12.10 -9.62 18.37
CA PRO A 253 13.36 -9.51 17.66
C PRO A 253 13.28 -9.74 16.16
N GLU A 254 12.09 -9.60 15.59
CA GLU A 254 11.90 -9.81 14.15
C GLU A 254 10.96 -8.76 13.57
N VAL A 255 11.10 -8.62 12.25
CA VAL A 255 10.21 -7.75 11.49
C VAL A 255 9.42 -8.61 10.48
N ASP A 256 8.35 -8.03 9.96
CA ASP A 256 7.55 -8.74 8.96
C ASP A 256 8.25 -8.83 7.61
N CYS A 257 8.98 -7.76 7.26
CA CYS A 257 9.60 -7.60 5.95
C CYS A 257 11.02 -7.03 6.05
N ALA A 258 11.93 -7.41 5.16
CA ALA A 258 13.27 -6.84 5.23
C ALA A 258 13.78 -6.54 3.83
N VAL A 259 14.55 -5.46 3.72
CA VAL A 259 15.06 -5.04 2.41
C VAL A 259 16.57 -4.90 2.52
N ASP A 260 17.34 -5.47 1.61
CA ASP A 260 18.80 -5.27 1.57
C ASP A 260 19.06 -4.14 0.60
N ALA A 261 19.39 -2.95 1.14
CA ALA A 261 19.74 -1.81 0.27
C ALA A 261 21.22 -1.50 0.44
N VAL A 262 22.03 -2.56 0.60
CA VAL A 262 23.47 -2.42 0.75
C VAL A 262 24.20 -3.07 -0.42
N GLY A 263 24.09 -4.39 -0.54
CA GLY A 263 24.82 -5.03 -1.63
C GLY A 263 26.24 -5.44 -1.24
N PHE A 264 27.05 -5.72 -2.26
CA PHE A 264 28.28 -6.46 -2.16
C PHE A 264 29.49 -5.82 -1.49
N GLU A 265 29.42 -4.55 -1.13
CA GLU A 265 30.47 -3.95 -0.30
C GLU A 265 30.03 -3.86 1.15
N ALA A 266 29.06 -4.68 1.58
CA ALA A 266 28.62 -4.67 2.97
C ALA A 266 29.76 -4.85 3.98
N ARG A 267 29.66 -4.14 5.09
CA ARG A 267 30.56 -4.30 6.23
C ARG A 267 30.00 -5.26 7.27
N GLY A 268 30.86 -5.81 8.13
CA GLY A 268 30.40 -6.67 9.22
C GLY A 268 29.69 -5.80 10.26
N HIS A 269 29.24 -6.45 11.33
CA HIS A 269 28.56 -5.78 12.42
C HIS A 269 29.38 -5.81 13.71
N GLY A 270 29.13 -4.82 14.56
CA GLY A 270 29.84 -4.75 15.85
C GLY A 270 30.96 -3.73 15.77
N HIS A 271 31.50 -3.32 16.93
CA HIS A 271 32.57 -2.34 16.94
C HIS A 271 33.71 -2.70 15.99
N GLU A 272 34.21 -3.93 16.11
CA GLU A 272 35.29 -4.37 15.24
C GLU A 272 34.79 -4.83 13.88
N GLY A 273 33.73 -5.64 13.85
CA GLY A 273 33.19 -6.12 12.59
C GLY A 273 32.99 -5.03 11.57
N ALA A 274 32.36 -3.93 11.98
CA ALA A 274 32.00 -2.77 11.21
C ALA A 274 33.10 -2.12 10.40
N LYS A 275 34.33 -2.33 10.83
CA LYS A 275 35.53 -1.79 10.25
C LYS A 275 35.96 -2.52 8.98
N HIS A 276 35.59 -3.80 8.86
CA HIS A 276 35.96 -4.62 7.75
C HIS A 276 34.78 -5.08 6.89
N GLU A 277 35.12 -5.28 5.63
CA GLU A 277 34.14 -5.77 4.66
C GLU A 277 33.85 -7.24 4.84
N ALA A 278 32.58 -7.60 4.74
CA ALA A 278 32.11 -8.98 4.90
C ALA A 278 30.83 -9.06 4.06
N PRO A 279 30.98 -9.41 2.78
CA PRO A 279 29.94 -9.27 1.79
C PRO A 279 28.64 -10.02 2.04
N ALA A 280 28.65 -11.08 2.83
CA ALA A 280 27.41 -11.82 3.09
C ALA A 280 26.69 -11.35 4.35
N THR A 281 27.27 -10.37 5.05
CA THR A 281 26.68 -9.89 6.29
C THR A 281 25.22 -9.50 6.23
N VAL A 282 24.82 -8.72 5.22
CA VAL A 282 23.42 -8.26 5.22
C VAL A 282 22.49 -9.44 4.94
N LEU A 283 22.79 -10.25 3.94
CA LEU A 283 21.92 -11.40 3.67
C LEU A 283 21.76 -12.25 4.92
N ASN A 284 22.87 -12.57 5.59
CA ASN A 284 22.81 -13.38 6.81
C ASN A 284 21.99 -12.70 7.90
N SER A 285 22.17 -11.40 8.11
CA SER A 285 21.39 -10.72 9.13
C SER A 285 19.91 -10.65 8.79
N LEU A 286 19.54 -10.50 7.51
CA LEU A 286 18.14 -10.42 7.17
C LEU A 286 17.43 -11.75 7.40
N MET A 287 18.14 -12.86 7.24
CA MET A 287 17.49 -14.16 7.53
C MET A 287 17.24 -14.26 9.02
N GLN A 288 18.15 -13.68 9.82
CA GLN A 288 17.98 -13.73 11.27
C GLN A 288 16.80 -12.89 11.76
N VAL A 289 16.63 -11.69 11.21
CA VAL A 289 15.59 -10.79 11.70
C VAL A 289 14.26 -10.78 10.97
N THR A 290 14.14 -11.48 9.86
CA THR A 290 12.84 -11.52 9.16
C THR A 290 12.03 -12.68 9.71
N ARG A 291 10.74 -12.42 9.99
CA ARG A 291 9.93 -13.49 10.58
C ARG A 291 9.69 -14.65 9.59
N VAL A 292 9.31 -15.80 10.17
CA VAL A 292 9.08 -16.96 9.32
C VAL A 292 8.02 -16.66 8.28
N ALA A 293 8.25 -17.24 7.10
CA ALA A 293 7.47 -17.09 5.88
C ALA A 293 7.57 -15.69 5.30
N GLY A 294 8.51 -14.89 5.82
CA GLY A 294 8.68 -13.54 5.31
C GLY A 294 9.43 -13.56 3.98
N LYS A 295 9.47 -12.38 3.38
CA LYS A 295 10.09 -12.16 2.09
C LYS A 295 11.21 -11.14 2.26
N ILE A 296 12.33 -11.40 1.58
CA ILE A 296 13.50 -10.50 1.67
C ILE A 296 13.70 -9.90 0.29
N GLY A 297 13.53 -8.59 0.22
CA GLY A 297 13.69 -7.85 -1.05
C GLY A 297 15.13 -7.38 -1.15
N ILE A 298 15.80 -7.67 -2.29
CA ILE A 298 17.22 -7.34 -2.40
C ILE A 298 17.57 -6.47 -3.57
N PRO A 299 17.31 -5.15 -3.45
CA PRO A 299 17.71 -4.20 -4.47
C PRO A 299 19.22 -4.00 -4.43
N GLY A 300 19.88 -4.19 -3.29
CA GLY A 300 21.33 -4.01 -3.20
C GLY A 300 22.02 -4.86 -4.27
N LEU A 301 23.02 -4.27 -4.93
CA LEU A 301 23.74 -4.95 -5.99
C LEU A 301 24.71 -6.01 -5.56
N TYR A 302 24.62 -7.18 -6.21
CA TYR A 302 25.57 -8.27 -6.06
C TYR A 302 26.04 -8.57 -7.49
N VAL A 303 27.35 -8.72 -7.67
CA VAL A 303 27.90 -8.89 -9.00
C VAL A 303 28.56 -10.24 -9.24
N THR A 304 28.79 -10.47 -10.55
CA THR A 304 29.44 -11.66 -11.06
C THR A 304 30.96 -11.58 -10.98
N GLU A 305 31.53 -10.39 -10.89
CA GLU A 305 32.96 -10.20 -10.77
C GLU A 305 33.25 -8.94 -9.95
N ASP A 306 33.97 -9.11 -8.86
CA ASP A 306 34.41 -7.99 -8.05
C ASP A 306 35.92 -8.15 -7.82
N PRO A 307 36.71 -7.38 -8.56
CA PRO A 307 38.15 -7.42 -8.45
C PRO A 307 38.69 -7.03 -7.11
N GLY A 308 38.01 -6.24 -6.29
CA GLY A 308 38.53 -5.89 -4.97
C GLY A 308 37.89 -6.66 -3.83
N ALA A 309 37.25 -7.79 -4.06
CA ALA A 309 36.56 -8.51 -2.98
C ALA A 309 37.51 -9.11 -1.95
N VAL A 310 36.92 -9.55 -0.83
CA VAL A 310 37.64 -10.10 0.29
C VAL A 310 38.32 -11.43 0.06
N ASP A 311 37.83 -12.27 -0.86
CA ASP A 311 38.45 -13.57 -1.09
C ASP A 311 38.18 -14.02 -2.52
N ALA A 312 38.83 -15.10 -2.92
CA ALA A 312 38.70 -15.65 -4.27
C ALA A 312 37.24 -15.94 -4.61
N ALA A 313 36.53 -16.57 -3.67
CA ALA A 313 35.11 -16.84 -3.89
C ALA A 313 34.36 -15.53 -4.09
N ALA A 314 34.63 -14.49 -3.29
CA ALA A 314 33.87 -13.24 -3.42
C ALA A 314 34.20 -12.50 -4.71
N LYS A 315 35.38 -12.74 -5.29
CA LYS A 315 35.77 -12.11 -6.54
C LYS A 315 34.94 -12.56 -7.72
N ILE A 316 34.23 -13.69 -7.63
CA ILE A 316 33.28 -14.09 -8.65
C ILE A 316 31.85 -14.08 -8.12
N GLY A 317 31.58 -13.30 -7.08
CA GLY A 317 30.26 -13.16 -6.51
C GLY A 317 29.75 -14.27 -5.62
N SER A 318 30.60 -15.20 -5.24
CA SER A 318 30.24 -16.33 -4.40
C SER A 318 30.50 -15.97 -2.93
N LEU A 319 29.43 -15.93 -2.16
CA LEU A 319 29.39 -15.54 -0.77
C LEU A 319 29.04 -16.67 0.17
N SER A 320 29.55 -16.60 1.40
CA SER A 320 29.21 -17.60 2.42
C SER A 320 27.94 -17.16 3.15
N ILE A 321 26.83 -17.64 2.60
CA ILE A 321 25.48 -17.33 3.07
C ILE A 321 24.93 -18.43 3.93
N ARG A 322 24.36 -18.11 5.08
CA ARG A 322 23.81 -19.12 5.97
C ARG A 322 22.40 -19.46 5.48
N PHE A 323 22.36 -20.09 4.32
CA PHE A 323 21.10 -20.40 3.64
C PHE A 323 20.22 -21.34 4.44
N GLY A 324 20.78 -22.22 5.24
CA GLY A 324 19.98 -23.13 6.06
C GLY A 324 19.10 -22.37 7.05
N LEU A 325 19.55 -21.19 7.49
CA LEU A 325 18.73 -20.40 8.39
C LEU A 325 17.49 -19.85 7.68
N GLY A 326 17.73 -19.26 6.50
CA GLY A 326 16.61 -18.73 5.71
C GLY A 326 15.67 -19.86 5.30
N TRP A 327 16.24 -21.01 4.96
CA TRP A 327 15.42 -22.18 4.60
C TRP A 327 14.59 -22.64 5.77
N ALA A 328 15.19 -22.73 6.96
CA ALA A 328 14.44 -23.18 8.14
C ALA A 328 13.30 -22.27 8.52
N LYS A 329 13.36 -21.01 8.10
CA LYS A 329 12.35 -20.01 8.32
C LYS A 329 11.45 -19.79 7.12
N SER A 330 11.57 -20.57 6.04
CA SER A 330 10.77 -20.45 4.84
C SER A 330 10.82 -19.07 4.20
N HIS A 331 12.03 -18.53 4.09
CA HIS A 331 12.15 -17.20 3.49
C HIS A 331 12.17 -17.25 1.96
N SER A 332 11.67 -16.21 1.33
CA SER A 332 11.86 -16.08 -0.13
C SER A 332 12.82 -14.92 -0.36
N PHE A 333 13.57 -14.98 -1.44
CA PHE A 333 14.58 -13.99 -1.79
C PHE A 333 14.35 -13.41 -3.18
N HIS A 334 14.26 -12.08 -3.26
CA HIS A 334 13.82 -11.43 -4.50
C HIS A 334 14.97 -10.51 -4.89
N THR A 335 15.53 -10.70 -6.08
CA THR A 335 16.70 -9.93 -6.47
C THR A 335 16.62 -9.29 -7.85
N GLY A 336 17.68 -8.48 -8.13
CA GLY A 336 17.89 -7.98 -9.45
C GLY A 336 17.65 -6.50 -9.71
N GLN A 337 18.03 -6.09 -10.92
CA GLN A 337 17.80 -4.70 -11.32
C GLN A 337 16.31 -4.39 -11.29
N THR A 338 15.98 -3.20 -10.78
CA THR A 338 14.56 -2.85 -10.73
C THR A 338 13.95 -2.68 -12.09
N PRO A 339 12.74 -3.19 -12.32
CA PRO A 339 11.99 -2.91 -13.56
C PRO A 339 11.33 -1.54 -13.31
N VAL A 340 12.08 -0.46 -13.53
CA VAL A 340 11.57 0.87 -13.20
C VAL A 340 10.24 1.19 -13.82
N MET A 341 9.98 0.83 -15.08
CA MET A 341 8.74 1.08 -15.75
C MET A 341 7.50 0.48 -15.08
N LYS A 342 7.66 -0.53 -14.22
CA LYS A 342 6.50 -1.13 -13.60
C LYS A 342 5.84 -0.16 -12.61
N TYR A 343 6.67 0.71 -12.02
CA TYR A 343 6.19 1.55 -10.93
C TYR A 343 6.31 3.07 -11.09
N ASN A 344 7.07 3.51 -12.09
CA ASN A 344 7.32 4.96 -12.20
C ASN A 344 6.11 5.82 -12.47
N ARG A 345 5.10 5.37 -13.20
CA ARG A 345 3.92 6.20 -13.43
C ARG A 345 3.12 6.41 -12.15
N ALA A 346 2.90 5.32 -11.40
CA ALA A 346 2.14 5.51 -10.14
C ALA A 346 2.92 6.37 -9.15
N LEU A 347 4.24 6.20 -9.12
CA LEU A 347 5.06 6.99 -8.16
C LEU A 347 5.08 8.45 -8.56
N MET A 348 4.99 8.73 -9.85
CA MET A 348 4.90 10.11 -10.32
C MET A 348 3.61 10.71 -9.76
N GLN A 349 2.49 9.96 -9.85
CA GLN A 349 1.24 10.47 -9.31
C GLN A 349 1.36 10.69 -7.81
N ALA A 350 2.04 9.80 -7.09
CA ALA A 350 2.18 9.98 -5.64
C ALA A 350 2.95 11.25 -5.33
N ILE A 351 3.98 11.52 -6.13
CA ILE A 351 4.78 12.74 -5.93
C ILE A 351 3.90 13.96 -6.25
N MET A 352 3.19 13.95 -7.36
CA MET A 352 2.43 15.15 -7.77
C MET A 352 1.30 15.50 -6.82
N TRP A 353 0.74 14.50 -6.16
CA TRP A 353 -0.34 14.69 -5.20
C TRP A 353 0.19 14.79 -3.78
N ASP A 354 1.48 15.02 -3.60
CA ASP A 354 2.08 15.27 -2.30
C ASP A 354 1.87 14.15 -1.30
N ARG A 355 1.96 12.90 -1.80
CA ARG A 355 1.85 11.75 -0.91
C ARG A 355 3.22 11.26 -0.47
N ILE A 356 4.32 11.74 -1.06
CA ILE A 356 5.64 11.30 -0.61
C ILE A 356 6.57 12.49 -0.73
N ASN A 357 7.55 12.68 0.14
CA ASN A 357 8.46 13.82 0.05
C ASN A 357 9.85 13.26 -0.22
N ILE A 358 10.01 12.63 -1.39
CA ILE A 358 11.23 11.85 -1.63
C ILE A 358 12.51 12.65 -1.64
N ALA A 359 12.53 13.84 -2.23
CA ALA A 359 13.76 14.63 -2.26
C ALA A 359 14.22 14.99 -0.86
N GLU A 360 13.27 15.32 0.02
CA GLU A 360 13.64 15.61 1.40
C GLU A 360 14.17 14.35 2.09
N VAL A 361 13.48 13.21 1.92
CA VAL A 361 13.92 12.00 2.58
C VAL A 361 15.30 11.55 2.17
N VAL A 362 15.63 11.62 0.87
CA VAL A 362 16.94 11.15 0.44
C VAL A 362 18.04 12.20 0.51
N GLY A 363 17.68 13.43 0.86
CA GLY A 363 18.71 14.48 0.98
C GLY A 363 19.20 15.01 -0.36
N VAL A 364 18.29 15.26 -1.29
CA VAL A 364 18.70 15.79 -2.58
C VAL A 364 19.48 17.10 -2.43
N GLN A 365 20.54 17.21 -3.19
CA GLN A 365 21.38 18.40 -3.22
C GLN A 365 21.70 18.61 -4.70
N VAL A 366 21.27 19.74 -5.23
CA VAL A 366 21.51 20.04 -6.65
C VAL A 366 22.89 20.68 -6.81
N ILE A 367 23.69 20.14 -7.72
CA ILE A 367 25.04 20.60 -8.02
C ILE A 367 25.18 20.80 -9.51
N SER A 368 26.24 21.53 -9.93
CA SER A 368 26.48 21.75 -11.34
C SER A 368 27.17 20.49 -11.89
N LEU A 369 27.33 20.47 -13.22
CA LEU A 369 28.08 19.37 -13.81
C LEU A 369 29.56 19.49 -13.46
N ASP A 370 30.06 20.73 -13.34
CA ASP A 370 31.42 20.97 -12.91
C ASP A 370 31.73 20.50 -11.50
N ASP A 371 30.68 20.39 -10.67
CA ASP A 371 30.81 19.95 -9.30
C ASP A 371 30.58 18.46 -9.13
N ALA A 372 30.40 17.73 -10.24
CA ALA A 372 30.16 16.28 -10.10
C ALA A 372 31.28 15.48 -9.48
N PRO A 373 32.55 15.68 -9.85
CA PRO A 373 33.65 14.97 -9.23
C PRO A 373 33.71 15.22 -7.74
N ARG A 374 33.42 16.44 -7.27
CA ARG A 374 33.44 16.66 -5.82
C ARG A 374 32.21 16.00 -5.19
N GLY A 375 31.10 15.95 -5.90
CA GLY A 375 29.89 15.28 -5.43
C GLY A 375 30.19 13.79 -5.25
N TYR A 376 30.89 13.18 -6.22
CA TYR A 376 31.32 11.79 -6.05
C TYR A 376 32.13 11.60 -4.79
N GLY A 377 33.10 12.53 -4.57
CA GLY A 377 33.96 12.41 -3.41
C GLY A 377 33.19 12.53 -2.10
N GLU A 378 32.28 13.50 -1.99
CA GLU A 378 31.53 13.67 -0.74
C GLU A 378 30.62 12.46 -0.53
N PHE A 379 29.96 12.03 -1.63
CA PHE A 379 29.11 10.83 -1.52
C PHE A 379 29.93 9.65 -1.07
N ASP A 380 31.13 9.42 -1.63
CA ASP A 380 31.99 8.32 -1.23
C ASP A 380 32.40 8.37 0.23
N ALA A 381 32.60 9.60 0.72
CA ALA A 381 32.93 9.81 2.13
C ALA A 381 31.76 9.54 3.06
N GLY A 382 30.54 9.40 2.56
CA GLY A 382 29.41 9.03 3.37
C GLY A 382 28.43 10.13 3.67
N VAL A 383 28.49 11.28 3.00
CA VAL A 383 27.51 12.31 3.34
C VAL A 383 26.11 11.79 3.07
N PRO A 384 25.14 12.20 3.86
CA PRO A 384 23.75 11.77 3.70
C PRO A 384 23.03 12.63 2.68
N LYS A 385 23.48 12.58 1.43
CA LYS A 385 22.91 13.34 0.35
C LYS A 385 22.68 12.47 -0.89
N LYS A 386 21.82 12.99 -1.74
CA LYS A 386 21.64 12.39 -3.09
C LYS A 386 21.99 13.51 -4.05
N PHE A 387 23.13 13.38 -4.72
CA PHE A 387 23.56 14.45 -5.62
C PHE A 387 22.79 14.46 -6.94
N VAL A 388 22.24 15.62 -7.26
CA VAL A 388 21.45 15.76 -8.49
C VAL A 388 22.12 16.86 -9.33
N ILE A 389 22.68 16.49 -10.46
CA ILE A 389 23.34 17.49 -11.31
C ILE A 389 22.30 18.18 -12.18
N ASP A 390 22.43 19.50 -12.31
CA ASP A 390 21.62 20.28 -13.27
C ASP A 390 22.69 20.79 -14.24
N PRO A 391 22.90 20.11 -15.35
CA PRO A 391 23.92 20.45 -16.30
C PRO A 391 23.80 21.76 -17.04
N HIS A 392 22.63 22.24 -17.36
CA HIS A 392 22.48 23.49 -18.11
C HIS A 392 21.99 24.65 -17.26
N LYS A 393 21.90 24.42 -15.96
CA LYS A 393 21.35 25.39 -15.02
C LYS A 393 19.95 25.77 -15.43
N THR A 394 19.16 24.69 -15.61
CA THR A 394 17.79 24.78 -16.03
C THR A 394 16.90 25.24 -14.89
N PHE A 395 17.19 24.80 -13.66
CA PHE A 395 16.32 25.16 -12.54
C PHE A 395 17.06 25.64 -11.30
N SER A 396 18.38 25.69 -11.28
CA SER A 396 19.04 26.15 -10.05
C SER A 396 19.88 27.39 -10.21
N ALA A 397 19.54 28.29 -11.14
CA ALA A 397 20.38 29.49 -11.32
C ALA A 397 20.40 30.31 -10.03
N GLY B 2 -27.55 -10.90 34.48
CA GLY B 2 -28.45 -10.35 33.45
C GLY B 2 -27.71 -9.84 32.20
N ASN B 3 -28.52 -9.51 31.22
CA ASN B 3 -28.02 -8.96 29.96
C ASN B 3 -29.11 -8.12 29.33
N ARG B 4 -28.71 -7.17 28.49
CA ARG B 4 -29.64 -6.32 27.76
C ARG B 4 -29.05 -6.12 26.36
N GLY B 5 -29.92 -5.89 25.39
CA GLY B 5 -29.39 -5.71 24.03
C GLY B 5 -30.44 -5.01 23.19
N VAL B 6 -30.01 -4.57 22.01
CA VAL B 6 -30.88 -3.90 21.07
C VAL B 6 -31.67 -4.92 20.26
N VAL B 7 -32.99 -4.79 20.31
CA VAL B 7 -33.87 -5.74 19.61
C VAL B 7 -34.65 -5.05 18.50
N TYR B 8 -34.71 -5.67 17.34
CA TYR B 8 -35.46 -5.17 16.19
C TYR B 8 -36.94 -5.49 16.39
N LEU B 9 -37.80 -4.49 16.32
CA LEU B 9 -39.23 -4.74 16.59
C LEU B 9 -40.11 -4.69 15.36
N GLY B 10 -39.50 -4.55 14.19
CA GLY B 10 -40.30 -4.44 12.97
C GLY B 10 -40.78 -2.99 12.85
N SER B 11 -41.25 -2.64 11.66
CA SER B 11 -41.74 -1.32 11.33
C SER B 11 -40.76 -0.20 11.67
N GLY B 12 -39.48 -0.42 11.36
CA GLY B 12 -38.44 0.56 11.55
C GLY B 12 -38.07 0.86 12.98
N LYS B 13 -38.48 0.04 13.94
CA LYS B 13 -38.19 0.32 15.34
C LYS B 13 -37.22 -0.66 15.97
N VAL B 14 -36.42 -0.14 16.91
CA VAL B 14 -35.56 -0.95 17.74
C VAL B 14 -35.77 -0.48 19.18
N GLU B 15 -35.50 -1.38 20.12
CA GLU B 15 -35.61 -1.03 21.54
C GLU B 15 -34.64 -1.88 22.34
N VAL B 16 -34.07 -1.30 23.39
CA VAL B 16 -33.24 -2.07 24.31
C VAL B 16 -34.13 -2.89 25.22
N GLN B 17 -33.86 -4.18 25.28
CA GLN B 17 -34.65 -5.07 26.13
C GLN B 17 -33.75 -5.97 26.96
N LYS B 18 -34.31 -6.52 28.06
CA LYS B 18 -33.56 -7.51 28.82
C LYS B 18 -33.53 -8.75 27.94
N ILE B 19 -32.34 -9.31 27.72
CA ILE B 19 -32.20 -10.52 26.91
C ILE B 19 -31.44 -11.56 27.74
N ASP B 20 -31.50 -12.82 27.28
CA ASP B 20 -30.81 -13.87 28.02
C ASP B 20 -29.31 -13.65 28.12
N TYR B 21 -28.71 -14.09 29.23
CA TYR B 21 -27.25 -14.04 29.36
C TYR B 21 -26.71 -15.07 28.36
N PRO B 22 -25.58 -14.84 27.74
CA PRO B 22 -25.04 -15.77 26.76
C PRO B 22 -24.77 -17.14 27.38
N LYS B 23 -24.90 -18.15 26.52
CA LYS B 23 -24.62 -19.53 26.93
C LYS B 23 -23.53 -20.09 26.02
N MET B 24 -22.74 -21.03 26.53
CA MET B 24 -21.72 -21.69 25.73
C MET B 24 -22.35 -22.76 24.84
N GLN B 25 -23.09 -22.36 23.83
CA GLN B 25 -23.72 -23.25 22.88
C GLN B 25 -23.83 -22.54 21.53
N ASP B 26 -24.06 -23.31 20.47
CA ASP B 26 -24.34 -22.71 19.14
C ASP B 26 -25.79 -22.33 19.07
N PRO B 27 -26.29 -21.78 17.96
CA PRO B 27 -27.66 -21.38 17.77
C PRO B 27 -28.70 -22.49 17.77
N ARG B 28 -28.25 -23.72 17.62
CA ARG B 28 -29.09 -24.92 17.63
C ARG B 28 -29.19 -25.55 19.01
N GLY B 29 -28.47 -25.02 19.99
CA GLY B 29 -28.52 -25.50 21.35
C GLY B 29 -27.45 -26.50 21.72
N LYS B 30 -26.56 -26.82 20.78
CA LYS B 30 -25.48 -27.77 21.03
C LYS B 30 -24.35 -27.12 21.79
N LYS B 31 -23.98 -27.68 22.93
CA LYS B 31 -22.90 -27.09 23.72
C LYS B 31 -21.55 -27.12 23.04
N ILE B 32 -20.80 -26.02 23.20
CA ILE B 32 -19.46 -25.87 22.62
C ILE B 32 -18.49 -25.50 23.75
N GLU B 33 -17.24 -25.94 23.69
CA GLU B 33 -16.26 -25.62 24.73
C GLU B 33 -15.09 -24.85 24.11
N HIS B 34 -15.34 -24.32 22.91
CA HIS B 34 -14.32 -23.58 22.19
C HIS B 34 -14.66 -22.10 22.06
N GLY B 35 -15.68 -21.65 22.78
CA GLY B 35 -16.08 -20.24 22.73
C GLY B 35 -15.73 -19.48 23.99
N VAL B 36 -15.94 -18.17 23.93
CA VAL B 36 -15.75 -17.33 25.13
C VAL B 36 -17.01 -16.50 25.29
N ILE B 37 -17.26 -16.02 26.52
CA ILE B 37 -18.30 -15.02 26.71
C ILE B 37 -17.57 -13.70 27.02
N LEU B 38 -17.95 -12.66 26.30
CA LEU B 38 -17.30 -11.36 26.52
C LEU B 38 -18.23 -10.42 27.29
N LYS B 39 -17.59 -9.57 28.09
CA LYS B 39 -18.19 -8.35 28.62
C LYS B 39 -17.95 -7.30 27.52
N VAL B 40 -18.99 -6.77 26.93
CA VAL B 40 -18.81 -5.86 25.78
C VAL B 40 -18.22 -4.52 26.17
N VAL B 41 -17.09 -4.16 25.54
CA VAL B 41 -16.43 -2.89 25.83
C VAL B 41 -16.95 -1.82 24.89
N SER B 42 -16.92 -2.10 23.57
CA SER B 42 -17.51 -1.21 22.58
C SER B 42 -18.28 -2.05 21.55
N THR B 43 -19.35 -1.52 21.01
CA THR B 43 -20.16 -2.28 20.04
C THR B 43 -20.90 -1.30 19.15
N ASN B 44 -20.68 -1.39 17.82
CA ASN B 44 -21.11 -0.30 16.95
C ASN B 44 -22.38 -0.60 16.17
N ILE B 45 -22.94 0.46 15.59
CA ILE B 45 -24.12 0.33 14.71
C ILE B 45 -23.65 0.46 13.27
N CYS B 46 -24.08 -0.48 12.43
CA CYS B 46 -23.65 -0.51 11.04
C CYS B 46 -24.72 -0.17 10.04
N GLY B 47 -24.32 0.24 8.83
CA GLY B 47 -25.27 0.41 7.73
C GLY B 47 -26.00 -0.90 7.43
N SER B 48 -25.39 -2.08 7.64
CA SER B 48 -26.11 -3.33 7.45
C SER B 48 -27.27 -3.43 8.45
N ASP B 49 -27.06 -2.95 9.66
CA ASP B 49 -28.16 -2.96 10.66
C ASP B 49 -29.26 -2.06 10.17
N GLN B 50 -28.89 -0.89 9.59
CA GLN B 50 -29.92 -0.02 9.04
C GLN B 50 -30.71 -0.67 7.91
N HIS B 51 -30.07 -1.49 7.06
CA HIS B 51 -30.87 -2.16 6.01
C HIS B 51 -31.91 -3.05 6.69
N MET B 52 -31.51 -3.76 7.74
CA MET B 52 -32.43 -4.66 8.43
C MET B 52 -33.55 -3.88 9.10
N VAL B 53 -33.17 -2.80 9.79
CA VAL B 53 -34.20 -2.02 10.52
C VAL B 53 -35.18 -1.35 9.60
N ARG B 54 -34.82 -0.98 8.38
CA ARG B 54 -35.67 -0.38 7.38
C ARG B 54 -36.63 -1.39 6.74
N GLY B 55 -36.50 -2.67 7.09
CA GLY B 55 -37.36 -3.71 6.54
C GLY B 55 -36.96 -4.11 5.12
N ARG B 56 -35.68 -3.95 4.80
CA ARG B 56 -35.20 -4.23 3.45
C ARG B 56 -34.53 -5.59 3.32
N THR B 57 -34.74 -6.42 4.34
CA THR B 57 -34.25 -7.79 4.35
C THR B 57 -35.34 -8.69 4.95
N THR B 58 -35.05 -9.98 5.07
CA THR B 58 -36.01 -10.90 5.68
C THR B 58 -35.75 -11.07 7.17
N ALA B 59 -35.01 -10.14 7.78
CA ALA B 59 -34.76 -10.17 9.21
C ALA B 59 -36.10 -10.30 9.95
N GLN B 60 -36.13 -11.15 10.99
CA GLN B 60 -37.39 -11.32 11.69
C GLN B 60 -37.51 -10.47 12.95
N VAL B 61 -38.72 -9.98 13.20
CA VAL B 61 -39.02 -9.26 14.42
C VAL B 61 -38.49 -10.06 15.61
N GLY B 62 -37.76 -9.39 16.49
CA GLY B 62 -37.22 -10.06 17.67
C GLY B 62 -35.71 -10.29 17.60
N LEU B 63 -35.14 -10.04 16.43
CA LEU B 63 -33.70 -10.18 16.24
C LEU B 63 -32.91 -9.29 17.19
N VAL B 64 -31.96 -9.87 17.90
CA VAL B 64 -30.99 -9.10 18.68
C VAL B 64 -29.91 -8.64 17.71
N LEU B 65 -29.73 -7.32 17.60
CA LEU B 65 -28.74 -6.79 16.66
C LEU B 65 -27.34 -6.61 17.18
N GLY B 66 -26.40 -6.46 16.23
CA GLY B 66 -25.02 -6.13 16.58
C GLY B 66 -23.95 -7.09 16.12
N HIS B 67 -23.01 -6.65 15.25
CA HIS B 67 -21.95 -7.60 14.86
C HIS B 67 -20.60 -6.89 14.82
N GLU B 68 -20.50 -5.79 15.58
CA GLU B 68 -19.25 -5.01 15.61
C GLU B 68 -18.74 -4.88 17.04
N ILE B 69 -18.22 -5.98 17.56
CA ILE B 69 -17.94 -6.09 18.99
C ILE B 69 -16.47 -6.03 19.33
N THR B 70 -16.13 -5.35 20.42
CA THR B 70 -14.84 -5.36 21.06
C THR B 70 -15.12 -5.66 22.55
N GLY B 71 -14.43 -6.59 23.17
CA GLY B 71 -14.83 -6.95 24.54
C GLY B 71 -13.71 -7.57 25.34
N GLU B 72 -14.06 -7.89 26.61
CA GLU B 72 -13.11 -8.48 27.55
C GLU B 72 -13.51 -9.92 27.86
N VAL B 73 -12.57 -10.86 27.78
CA VAL B 73 -12.94 -12.25 28.03
C VAL B 73 -13.31 -12.43 29.51
N ILE B 74 -14.53 -12.84 29.81
CA ILE B 74 -14.88 -13.03 31.23
C ILE B 74 -15.19 -14.50 31.53
N GLU B 75 -15.32 -15.33 30.48
CA GLU B 75 -15.54 -16.76 30.69
C GLU B 75 -15.03 -17.50 29.44
N LYS B 76 -14.30 -18.59 29.62
CA LYS B 76 -13.84 -19.29 28.40
C LYS B 76 -14.19 -20.78 28.52
N GLY B 77 -14.45 -21.39 27.36
CA GLY B 77 -14.72 -22.83 27.35
C GLY B 77 -13.46 -23.57 27.74
N ARG B 78 -13.65 -24.89 28.04
CA ARG B 78 -12.56 -25.73 28.43
C ARG B 78 -11.48 -26.00 27.40
N ASP B 79 -11.84 -25.81 26.13
CA ASP B 79 -10.90 -26.12 25.04
C ASP B 79 -10.27 -24.88 24.41
N VAL B 80 -10.47 -23.73 25.03
CA VAL B 80 -9.86 -22.49 24.52
C VAL B 80 -8.44 -22.43 25.02
N GLU B 81 -7.46 -22.43 24.12
CA GLU B 81 -6.06 -22.43 24.45
C GLU B 81 -5.39 -21.06 24.49
N ASN B 82 -5.91 -20.08 23.75
CA ASN B 82 -5.12 -18.87 23.53
C ASN B 82 -5.62 -17.61 24.22
N LEU B 83 -6.75 -17.68 24.87
CA LEU B 83 -7.29 -16.50 25.54
C LEU B 83 -7.28 -16.78 27.05
N GLN B 84 -7.05 -15.71 27.79
CA GLN B 84 -7.10 -15.76 29.25
C GLN B 84 -8.18 -14.80 29.73
N ILE B 85 -8.75 -15.07 30.90
CA ILE B 85 -9.74 -14.17 31.47
C ILE B 85 -9.10 -12.78 31.58
N GLY B 86 -9.80 -11.76 31.15
CA GLY B 86 -9.30 -10.38 31.23
C GLY B 86 -8.73 -9.90 29.91
N ASP B 87 -8.45 -10.82 28.97
CA ASP B 87 -7.91 -10.33 27.68
C ASP B 87 -8.91 -9.40 26.98
N LEU B 88 -8.39 -8.36 26.35
CA LEU B 88 -9.22 -7.45 25.54
C LEU B 88 -9.11 -7.91 24.09
N VAL B 89 -10.23 -8.08 23.40
CA VAL B 89 -10.20 -8.64 22.05
C VAL B 89 -11.13 -7.91 21.09
N SER B 90 -10.71 -7.94 19.81
CA SER B 90 -11.54 -7.46 18.72
C SER B 90 -12.22 -8.70 18.08
N VAL B 91 -13.52 -8.60 17.89
CA VAL B 91 -14.25 -9.73 17.29
C VAL B 91 -14.57 -9.44 15.83
N PRO B 92 -14.03 -10.21 14.90
CA PRO B 92 -14.42 -10.05 13.51
C PRO B 92 -15.92 -10.25 13.42
N PHE B 93 -16.63 -9.54 12.54
CA PHE B 93 -18.07 -9.72 12.45
C PHE B 93 -18.41 -11.10 11.87
N ASN B 94 -17.51 -11.71 11.12
CA ASN B 94 -17.79 -13.05 10.58
C ASN B 94 -17.68 -14.11 11.67
N VAL B 95 -18.70 -14.97 11.74
CA VAL B 95 -18.60 -16.14 12.60
C VAL B 95 -17.97 -17.25 11.74
N ALA B 96 -16.78 -17.65 12.15
CA ALA B 96 -16.03 -18.61 11.34
C ALA B 96 -15.58 -19.77 12.22
N CYS B 97 -15.46 -20.98 11.67
CA CYS B 97 -15.05 -22.14 12.46
C CYS B 97 -13.55 -22.40 12.50
N GLY B 98 -12.79 -22.06 11.44
CA GLY B 98 -11.36 -22.35 11.40
C GLY B 98 -11.03 -23.79 11.06
N ARG B 99 -12.07 -24.54 10.68
CA ARG B 99 -12.01 -26.00 10.54
C ARG B 99 -12.67 -26.49 9.26
N CYS B 100 -12.94 -25.63 8.29
CA CYS B 100 -13.53 -26.00 7.01
C CYS B 100 -12.69 -25.47 5.86
N ARG B 101 -13.01 -25.85 4.62
CA ARG B 101 -12.25 -25.42 3.45
C ARG B 101 -12.22 -23.90 3.30
N SER B 102 -13.39 -23.28 3.46
CA SER B 102 -13.41 -21.81 3.34
C SER B 102 -12.50 -21.14 4.35
N CYS B 103 -12.57 -21.51 5.64
CA CYS B 103 -11.73 -20.89 6.66
C CYS B 103 -10.25 -21.12 6.47
N LYS B 104 -9.90 -22.36 6.10
CA LYS B 104 -8.50 -22.69 5.84
C LYS B 104 -7.94 -21.90 4.67
N GLU B 105 -8.77 -21.60 3.67
CA GLU B 105 -8.30 -20.83 2.53
C GLU B 105 -8.46 -19.33 2.72
N MET B 106 -8.77 -18.93 3.94
CA MET B 106 -8.89 -17.55 4.36
C MET B 106 -10.16 -16.88 3.89
N HIS B 107 -11.15 -17.65 3.42
CA HIS B 107 -12.44 -17.10 3.07
C HIS B 107 -13.39 -17.21 4.25
N THR B 108 -13.03 -16.53 5.34
CA THR B 108 -13.78 -16.53 6.58
C THR B 108 -15.08 -15.77 6.57
N GLY B 109 -15.46 -15.12 5.47
CA GLY B 109 -16.78 -14.51 5.32
C GLY B 109 -17.83 -15.55 4.85
N VAL B 110 -17.30 -16.68 4.34
CA VAL B 110 -18.18 -17.76 3.86
C VAL B 110 -17.84 -19.11 4.49
N CYS B 111 -17.73 -19.16 5.79
CA CYS B 111 -17.52 -20.41 6.55
C CYS B 111 -18.62 -21.41 6.21
N LEU B 112 -18.25 -22.68 6.05
CA LEU B 112 -19.24 -23.67 5.57
C LEU B 112 -19.99 -24.41 6.66
N THR B 113 -19.69 -24.16 7.91
CA THR B 113 -20.30 -25.00 8.97
C THR B 113 -21.08 -24.26 10.02
N VAL B 114 -20.93 -22.95 10.11
CA VAL B 114 -21.65 -22.24 11.18
C VAL B 114 -23.07 -21.83 10.88
N ASN B 115 -23.52 -22.00 9.65
CA ASN B 115 -24.85 -21.61 9.22
C ASN B 115 -25.47 -22.71 8.39
N PRO B 116 -26.52 -23.32 8.91
CA PRO B 116 -27.21 -24.41 8.22
C PRO B 116 -27.79 -24.03 6.88
N ALA B 117 -28.17 -22.77 6.66
CA ALA B 117 -28.89 -22.37 5.47
C ALA B 117 -28.03 -21.99 4.28
N ARG B 118 -26.84 -21.46 4.54
CA ARG B 118 -25.95 -21.00 3.47
C ARG B 118 -24.56 -20.84 4.07
N ALA B 119 -23.53 -20.65 3.23
CA ALA B 119 -22.19 -20.43 3.75
C ALA B 119 -22.14 -19.01 4.34
N GLY B 120 -21.32 -18.88 5.37
CA GLY B 120 -21.15 -17.58 6.01
C GLY B 120 -22.01 -17.38 7.25
N GLY B 121 -21.36 -16.83 8.29
CA GLY B 121 -22.04 -16.55 9.55
C GLY B 121 -21.67 -15.15 10.04
N ALA B 122 -22.52 -14.66 10.94
CA ALA B 122 -22.27 -13.32 11.49
C ALA B 122 -23.24 -13.15 12.67
N TYR B 123 -22.90 -12.28 13.60
CA TYR B 123 -23.76 -12.03 14.74
C TYR B 123 -24.90 -11.09 14.36
N GLY B 124 -26.09 -11.36 14.94
CA GLY B 124 -27.25 -10.49 14.78
C GLY B 124 -27.54 -10.08 13.36
N TYR B 125 -27.57 -11.04 12.45
CA TYR B 125 -27.63 -10.70 11.02
C TYR B 125 -28.48 -11.72 10.27
N VAL B 126 -29.32 -11.21 9.38
CA VAL B 126 -30.20 -12.02 8.54
C VAL B 126 -29.42 -13.04 7.72
N ASP B 127 -29.90 -14.27 7.60
CA ASP B 127 -29.26 -15.32 6.83
C ASP B 127 -27.79 -15.54 7.19
N MET B 128 -27.48 -15.54 8.49
CA MET B 128 -26.11 -15.65 8.91
C MET B 128 -25.97 -16.65 10.05
N GLY B 129 -26.99 -17.55 10.14
CA GLY B 129 -26.73 -18.65 11.11
C GLY B 129 -27.37 -18.48 12.47
N ASP B 130 -28.07 -17.39 12.72
CA ASP B 130 -28.75 -17.11 13.97
C ASP B 130 -27.88 -16.98 15.20
N TRP B 131 -26.65 -16.51 15.02
CA TRP B 131 -25.74 -16.25 16.13
C TRP B 131 -26.19 -14.94 16.78
N THR B 132 -26.35 -14.94 18.09
CA THR B 132 -26.90 -13.78 18.79
C THR B 132 -26.05 -12.52 18.67
N GLY B 133 -26.75 -11.43 18.37
CA GLY B 133 -26.16 -10.11 18.20
C GLY B 133 -25.48 -9.61 19.48
N GLY B 134 -24.58 -8.65 19.27
CA GLY B 134 -23.75 -8.10 20.31
C GLY B 134 -23.84 -6.61 20.57
N GLN B 135 -24.88 -5.91 20.15
CA GLN B 135 -25.20 -4.55 20.66
C GLN B 135 -25.93 -4.82 22.00
N ALA B 136 -25.10 -5.16 22.97
CA ALA B 136 -25.55 -5.73 24.23
C ALA B 136 -24.46 -5.67 25.27
N GLU B 137 -24.80 -6.08 26.50
CA GLU B 137 -23.84 -6.07 27.59
C GLU B 137 -22.82 -7.18 27.51
N TYR B 138 -23.31 -8.37 27.11
CA TYR B 138 -22.46 -9.57 27.05
C TYR B 138 -22.75 -10.34 25.76
N VAL B 139 -21.80 -11.13 25.27
CA VAL B 139 -22.04 -11.88 24.04
C VAL B 139 -21.09 -13.07 23.93
N LEU B 140 -21.59 -14.14 23.30
CA LEU B 140 -20.76 -15.32 23.05
C LEU B 140 -20.05 -15.19 21.70
N VAL B 141 -18.79 -15.58 21.67
CA VAL B 141 -18.02 -15.76 20.43
C VAL B 141 -17.56 -17.22 20.38
N PRO B 142 -17.92 -17.97 19.33
CA PRO B 142 -17.49 -19.35 19.18
C PRO B 142 -16.10 -19.43 18.58
N TYR B 143 -15.45 -20.59 18.65
CA TYR B 143 -14.13 -20.85 18.08
C TYR B 143 -13.19 -19.69 18.37
N ALA B 144 -13.09 -19.33 19.64
CA ALA B 144 -12.31 -18.17 20.06
C ALA B 144 -10.86 -18.16 19.68
N ASP B 145 -10.18 -19.31 19.63
CA ASP B 145 -8.80 -19.40 19.24
C ASP B 145 -8.63 -19.14 17.72
N PHE B 146 -9.73 -19.20 17.00
CA PHE B 146 -9.61 -18.87 15.57
C PHE B 146 -10.05 -17.43 15.36
N ASN B 147 -11.28 -17.08 15.78
CA ASN B 147 -11.76 -15.74 15.46
C ASN B 147 -11.12 -14.55 16.16
N LEU B 148 -10.80 -14.63 17.45
CA LEU B 148 -10.46 -13.40 18.16
C LEU B 148 -9.09 -12.82 17.87
N LEU B 149 -9.08 -11.49 17.84
CA LEU B 149 -7.81 -10.76 17.69
C LEU B 149 -7.50 -10.15 19.06
N LYS B 150 -6.43 -10.60 19.66
CA LYS B 150 -6.06 -10.07 20.98
C LYS B 150 -5.51 -8.65 20.81
N LEU B 151 -6.02 -7.72 21.62
CA LEU B 151 -5.54 -6.34 21.51
C LEU B 151 -4.35 -6.13 22.45
N PRO B 152 -3.57 -5.10 22.20
CA PRO B 152 -2.37 -4.85 22.98
C PRO B 152 -2.66 -4.64 24.46
N ASP B 153 -1.62 -4.62 25.29
CA ASP B 153 -1.80 -4.36 26.71
C ASP B 153 -2.90 -3.34 26.94
N ARG B 154 -3.76 -3.64 27.89
CA ARG B 154 -4.91 -2.84 28.28
C ARG B 154 -4.78 -1.35 28.02
N ASP B 155 -3.84 -0.67 28.67
CA ASP B 155 -3.67 0.77 28.61
C ASP B 155 -3.46 1.37 27.23
N LYS B 156 -2.52 0.86 26.45
CA LYS B 156 -2.29 1.40 25.11
C LYS B 156 -3.56 1.24 24.27
N ALA B 157 -4.08 0.02 24.32
CA ALA B 157 -5.31 -0.34 23.61
C ALA B 157 -6.47 0.56 24.00
N MET B 158 -6.74 0.76 25.30
CA MET B 158 -7.93 1.51 25.66
C MET B 158 -7.84 2.98 25.28
N GLU B 159 -6.64 3.55 25.22
CA GLU B 159 -6.48 4.92 24.78
C GLU B 159 -6.98 5.08 23.35
N LYS B 160 -6.78 4.02 22.54
CA LYS B 160 -7.21 4.07 21.15
C LYS B 160 -8.45 3.26 20.87
N ILE B 161 -9.30 3.01 21.87
CA ILE B 161 -10.51 2.23 21.67
C ILE B 161 -11.45 2.74 20.61
N ARG B 162 -11.56 4.06 20.36
CA ARG B 162 -12.44 4.54 19.30
C ARG B 162 -11.93 4.13 17.93
N ASP B 163 -10.61 4.00 17.79
CA ASP B 163 -10.05 3.51 16.52
C ASP B 163 -10.14 1.98 16.46
N LEU B 164 -9.78 1.32 17.55
CA LEU B 164 -9.74 -0.16 17.57
C LEU B 164 -11.10 -0.78 17.44
N THR B 165 -12.16 -0.08 17.85
CA THR B 165 -13.52 -0.61 17.69
C THR B 165 -13.91 -0.74 16.22
N CYS B 166 -13.19 -0.11 15.28
CA CYS B 166 -13.46 -0.21 13.88
C CYS B 166 -12.85 -1.47 13.26
N LEU B 167 -12.06 -2.21 14.02
CA LEU B 167 -11.42 -3.42 13.50
C LEU B 167 -12.39 -4.59 13.37
N SER B 168 -13.51 -4.54 14.07
CA SER B 168 -14.49 -5.63 14.00
C SER B 168 -15.13 -5.72 12.63
N ASP B 169 -15.18 -4.60 11.89
CA ASP B 169 -15.92 -4.64 10.63
C ASP B 169 -15.54 -3.51 9.67
N ILE B 170 -15.85 -2.26 10.05
CA ILE B 170 -15.74 -1.23 9.02
C ILE B 170 -14.35 -0.91 8.49
N LEU B 171 -13.32 -0.92 9.29
CA LEU B 171 -11.99 -0.66 8.74
C LEU B 171 -11.52 -1.78 7.85
N PRO B 172 -11.55 -3.04 8.27
CA PRO B 172 -11.24 -4.13 7.35
C PRO B 172 -12.13 -4.16 6.14
N THR B 173 -13.40 -3.77 6.23
CA THR B 173 -14.34 -3.75 5.10
C THR B 173 -13.92 -2.68 4.09
N GLY B 174 -13.67 -1.47 4.60
CA GLY B 174 -13.21 -0.40 3.69
C GLY B 174 -11.93 -0.83 2.97
N TYR B 175 -11.05 -1.45 3.76
CA TYR B 175 -9.76 -1.91 3.26
C TYR B 175 -9.94 -2.98 2.20
N HIS B 176 -10.82 -3.94 2.48
CA HIS B 176 -11.09 -5.02 1.52
C HIS B 176 -11.61 -4.43 0.23
N GLY B 177 -12.53 -3.46 0.31
CA GLY B 177 -13.08 -2.82 -0.88
C GLY B 177 -11.94 -2.15 -1.67
N ALA B 178 -11.06 -1.43 -0.97
CA ALA B 178 -9.96 -0.79 -1.68
C ALA B 178 -8.96 -1.78 -2.26
N VAL B 179 -8.55 -2.78 -1.50
CA VAL B 179 -7.58 -3.75 -2.01
C VAL B 179 -8.13 -4.53 -3.18
N THR B 180 -9.39 -4.98 -3.06
CA THR B 180 -9.95 -5.74 -4.17
C THR B 180 -10.25 -4.84 -5.36
N ALA B 181 -10.30 -3.52 -5.22
CA ALA B 181 -10.38 -2.61 -6.36
C ALA B 181 -8.98 -2.28 -6.88
N GLY B 182 -7.94 -2.93 -6.40
CA GLY B 182 -6.58 -2.72 -6.89
C GLY B 182 -5.91 -1.43 -6.41
N VAL B 183 -6.41 -0.84 -5.31
CA VAL B 183 -5.77 0.39 -4.85
C VAL B 183 -4.36 0.15 -4.28
N GLY B 184 -3.44 1.02 -4.65
CA GLY B 184 -2.09 1.03 -4.10
C GLY B 184 -1.47 2.43 -4.25
N PRO B 185 -0.17 2.50 -4.01
CA PRO B 185 0.52 3.79 -4.05
C PRO B 185 0.34 4.49 -5.37
N GLY B 186 -0.11 5.74 -5.33
CA GLY B 186 -0.33 6.53 -6.54
C GLY B 186 -1.65 6.30 -7.25
N SER B 187 -2.50 5.38 -6.79
CA SER B 187 -3.80 5.20 -7.43
C SER B 187 -4.71 6.44 -7.36
N THR B 188 -5.54 6.58 -8.36
CA THR B 188 -6.71 7.49 -8.29
C THR B 188 -7.90 6.62 -7.96
N VAL B 189 -8.74 7.06 -7.01
CA VAL B 189 -9.83 6.22 -6.53
C VAL B 189 -11.15 6.97 -6.43
N TYR B 190 -12.24 6.31 -6.80
CA TYR B 190 -13.56 6.83 -6.55
C TYR B 190 -14.25 5.86 -5.59
N VAL B 191 -14.76 6.39 -4.50
CA VAL B 191 -15.51 5.62 -3.51
C VAL B 191 -16.97 6.10 -3.61
N ALA B 192 -17.89 5.23 -4.00
CA ALA B 192 -19.30 5.64 -3.97
C ALA B 192 -19.80 5.39 -2.55
N GLY B 193 -20.30 6.43 -1.89
CA GLY B 193 -20.81 6.30 -0.53
C GLY B 193 -19.90 6.99 0.49
N ALA B 194 -20.50 7.93 1.25
CA ALA B 194 -19.81 8.62 2.31
C ALA B 194 -20.34 8.28 3.70
N GLY B 195 -20.96 7.11 3.85
CA GLY B 195 -21.30 6.61 5.20
C GLY B 195 -19.98 6.09 5.78
N PRO B 196 -19.99 5.49 6.96
CA PRO B 196 -18.84 5.01 7.65
C PRO B 196 -17.99 4.02 6.84
N VAL B 197 -18.65 3.18 6.06
CA VAL B 197 -17.86 2.22 5.26
C VAL B 197 -17.17 2.91 4.10
N GLY B 198 -17.82 3.85 3.44
CA GLY B 198 -17.18 4.57 2.33
C GLY B 198 -16.04 5.44 2.87
N LEU B 199 -16.25 6.04 4.04
CA LEU B 199 -15.20 6.85 4.66
C LEU B 199 -14.03 5.95 5.07
N ALA B 200 -14.32 4.73 5.55
CA ALA B 200 -13.25 3.80 5.89
C ALA B 200 -12.51 3.32 4.63
N ALA B 201 -13.23 3.17 3.53
CA ALA B 201 -12.60 2.79 2.26
C ALA B 201 -11.66 3.92 1.81
N ALA B 202 -12.14 5.15 2.00
CA ALA B 202 -11.29 6.29 1.60
C ALA B 202 -10.05 6.32 2.47
N ALA B 203 -10.19 6.18 3.79
CA ALA B 203 -9.05 6.18 4.70
C ALA B 203 -8.11 5.01 4.38
N SER B 204 -8.71 3.85 4.05
CA SER B 204 -7.87 2.71 3.69
C SER B 204 -7.12 2.97 2.39
N ALA B 205 -7.75 3.58 1.40
CA ALA B 205 -7.07 3.89 0.13
C ALA B 205 -5.91 4.84 0.40
N ARG B 206 -6.13 5.82 1.27
CA ARG B 206 -5.08 6.78 1.66
C ARG B 206 -3.94 6.05 2.35
N LEU B 207 -4.23 5.11 3.26
CA LEU B 207 -3.22 4.31 3.94
C LEU B 207 -2.46 3.42 2.99
N LEU B 208 -3.13 2.94 1.95
CA LEU B 208 -2.49 2.15 0.89
C LEU B 208 -1.63 3.01 -0.02
N GLY B 209 -1.66 4.33 0.12
CA GLY B 209 -0.79 5.18 -0.70
C GLY B 209 -1.49 5.86 -1.86
N ALA B 210 -2.80 5.78 -1.97
CA ALA B 210 -3.47 6.41 -3.11
C ALA B 210 -3.09 7.88 -3.27
N ALA B 211 -2.97 8.28 -4.53
CA ALA B 211 -2.66 9.70 -4.82
C ALA B 211 -3.82 10.59 -4.42
N VAL B 212 -5.05 10.17 -4.73
CA VAL B 212 -6.22 10.97 -4.43
C VAL B 212 -7.46 10.08 -4.38
N VAL B 213 -8.35 10.38 -3.44
CA VAL B 213 -9.60 9.63 -3.30
C VAL B 213 -10.78 10.60 -3.48
N ILE B 214 -11.72 10.28 -4.34
CA ILE B 214 -12.91 11.11 -4.54
C ILE B 214 -14.07 10.32 -3.90
N VAL B 215 -14.76 10.94 -2.96
CA VAL B 215 -15.85 10.26 -2.28
C VAL B 215 -17.16 10.86 -2.76
N GLY B 216 -18.06 10.02 -3.25
CA GLY B 216 -19.34 10.52 -3.75
C GLY B 216 -20.49 10.15 -2.82
N ASP B 217 -21.46 11.07 -2.75
CA ASP B 217 -22.69 10.85 -1.97
C ASP B 217 -23.67 11.94 -2.42
N LEU B 218 -24.91 11.81 -1.98
CA LEU B 218 -25.92 12.85 -2.23
C LEU B 218 -26.14 13.60 -0.92
N ASN B 219 -25.66 13.09 0.19
CA ASN B 219 -25.91 13.67 1.51
C ASN B 219 -24.88 14.74 1.79
N PRO B 220 -25.34 15.99 1.87
CA PRO B 220 -24.39 17.10 2.09
C PRO B 220 -23.56 17.01 3.34
N ALA B 221 -24.17 16.65 4.47
CA ALA B 221 -23.38 16.54 5.70
C ALA B 221 -22.22 15.55 5.51
N ARG B 222 -22.53 14.39 4.92
CA ARG B 222 -21.46 13.40 4.75
C ARG B 222 -20.41 13.90 3.77
N LEU B 223 -20.80 14.58 2.71
CA LEU B 223 -19.81 15.16 1.81
C LEU B 223 -18.96 16.21 2.52
N ALA B 224 -19.59 17.06 3.36
CA ALA B 224 -18.77 18.07 4.04
C ALA B 224 -17.78 17.37 4.96
N HIS B 225 -18.21 16.31 5.66
CA HIS B 225 -17.31 15.55 6.51
C HIS B 225 -16.12 14.97 5.74
N ALA B 226 -16.40 14.34 4.61
CA ALA B 226 -15.36 13.74 3.78
C ALA B 226 -14.33 14.81 3.38
N LYS B 227 -14.81 16.01 3.05
CA LYS B 227 -13.90 17.10 2.69
C LYS B 227 -12.99 17.49 3.85
N ALA B 228 -13.60 17.64 5.03
CA ALA B 228 -12.92 18.03 6.25
C ALA B 228 -11.79 17.04 6.58
N GLN B 229 -12.06 15.75 6.33
CA GLN B 229 -11.08 14.70 6.52
C GLN B 229 -10.02 14.59 5.45
N GLY B 230 -9.95 15.49 4.47
CA GLY B 230 -8.94 15.53 3.46
C GLY B 230 -9.23 14.90 2.12
N PHE B 231 -10.45 14.39 1.88
CA PHE B 231 -10.72 13.77 0.59
C PHE B 231 -11.36 14.73 -0.39
N GLU B 232 -11.32 14.37 -1.67
CA GLU B 232 -12.06 15.07 -2.69
C GLU B 232 -13.49 14.53 -2.67
N ILE B 233 -14.43 15.30 -3.22
CA ILE B 233 -15.82 14.86 -3.20
C ILE B 233 -16.52 15.02 -4.54
N ALA B 234 -17.60 14.27 -4.72
CA ALA B 234 -18.49 14.36 -5.86
C ALA B 234 -19.90 14.35 -5.27
N ASP B 235 -20.72 15.30 -5.70
CA ASP B 235 -22.08 15.39 -5.16
C ASP B 235 -23.02 14.90 -6.25
N LEU B 236 -23.59 13.73 -6.02
CA LEU B 236 -24.45 13.05 -6.96
C LEU B 236 -25.83 13.69 -7.05
N SER B 237 -26.14 14.65 -6.18
CA SER B 237 -27.43 15.33 -6.27
C SER B 237 -27.34 16.49 -7.25
N LEU B 238 -26.18 16.85 -7.74
CA LEU B 238 -26.04 17.87 -8.78
C LEU B 238 -26.44 17.28 -10.12
N ASP B 239 -26.84 18.14 -11.06
CA ASP B 239 -27.12 17.65 -12.42
C ASP B 239 -25.83 17.35 -13.18
N THR B 240 -24.71 17.93 -12.76
CA THR B 240 -23.41 17.64 -13.35
C THR B 240 -23.09 16.14 -13.24
N PRO B 241 -22.89 15.49 -14.36
CA PRO B 241 -22.62 14.06 -14.39
C PRO B 241 -21.40 13.72 -13.55
N LEU B 242 -21.41 12.56 -12.91
CA LEU B 242 -20.25 12.15 -12.10
C LEU B 242 -18.95 12.17 -12.88
N HIS B 243 -18.94 11.71 -14.14
CA HIS B 243 -17.68 11.70 -14.88
C HIS B 243 -17.14 13.11 -15.14
N GLU B 244 -18.03 14.09 -15.26
CA GLU B 244 -17.60 15.48 -15.39
C GLU B 244 -17.03 16.00 -14.08
N GLN B 245 -17.61 15.60 -12.94
CA GLN B 245 -17.09 15.98 -11.65
C GLN B 245 -15.69 15.42 -11.43
N ILE B 246 -15.53 14.15 -11.82
CA ILE B 246 -14.21 13.53 -11.74
C ILE B 246 -13.22 14.25 -12.65
N ALA B 247 -13.61 14.54 -13.89
CA ALA B 247 -12.72 15.19 -14.84
C ALA B 247 -12.27 16.58 -14.38
N ALA B 248 -13.15 17.29 -13.69
CA ALA B 248 -12.78 18.61 -13.16
C ALA B 248 -11.69 18.51 -12.11
N LEU B 249 -11.63 17.40 -11.36
CA LEU B 249 -10.63 17.19 -10.33
C LEU B 249 -9.36 16.54 -10.85
N LEU B 250 -9.48 15.61 -11.79
CA LEU B 250 -8.33 14.83 -12.22
C LEU B 250 -7.82 15.12 -13.62
N GLY B 251 -8.61 15.77 -14.47
CA GLY B 251 -8.13 16.02 -15.84
C GLY B 251 -8.53 14.93 -16.81
N GLU B 252 -9.27 13.93 -16.33
CA GLU B 252 -9.75 12.81 -17.13
C GLU B 252 -10.99 12.30 -16.42
N PRO B 253 -11.95 11.77 -17.14
CA PRO B 253 -13.23 11.35 -16.59
C PRO B 253 -13.27 9.96 -15.97
N GLU B 254 -12.10 9.41 -15.64
CA GLU B 254 -12.04 8.08 -15.06
C GLU B 254 -11.00 8.02 -13.94
N VAL B 255 -11.17 7.01 -13.10
CA VAL B 255 -10.27 6.72 -11.99
C VAL B 255 -9.63 5.34 -12.23
N ASP B 256 -8.52 5.10 -11.56
CA ASP B 256 -7.88 3.78 -11.67
C ASP B 256 -8.69 2.69 -10.98
N CYS B 257 -9.31 3.06 -9.86
CA CYS B 257 -9.99 2.07 -9.02
C CYS B 257 -11.30 2.57 -8.47
N ALA B 258 -12.30 1.71 -8.30
CA ALA B 258 -13.56 2.22 -7.75
C ALA B 258 -14.12 1.25 -6.70
N VAL B 259 -14.77 1.85 -5.71
CA VAL B 259 -15.36 1.05 -4.63
C VAL B 259 -16.83 1.38 -4.44
N ASP B 260 -17.67 0.36 -4.46
CA ASP B 260 -19.10 0.55 -4.18
C ASP B 260 -19.28 0.33 -2.69
N ALA B 261 -19.51 1.43 -1.96
CA ALA B 261 -19.75 1.38 -0.52
C ALA B 261 -21.18 1.83 -0.24
N VAL B 262 -22.06 1.53 -1.21
CA VAL B 262 -23.47 1.88 -1.08
C VAL B 262 -24.36 0.64 -0.96
N GLY B 263 -24.36 -0.19 -2.01
CA GLY B 263 -25.25 -1.38 -1.90
C GLY B 263 -26.65 -1.12 -2.41
N PHE B 264 -27.56 -2.02 -2.05
CA PHE B 264 -28.84 -2.19 -2.72
C PHE B 264 -29.91 -1.15 -2.44
N GLU B 265 -29.67 -0.17 -1.58
CA GLU B 265 -30.64 0.92 -1.42
C GLU B 265 -30.13 2.17 -2.13
N ALA B 266 -29.21 2.00 -3.09
CA ALA B 266 -28.68 3.14 -3.82
C ALA B 266 -29.77 4.03 -4.42
N ARG B 267 -29.47 5.32 -4.47
CA ARG B 267 -30.30 6.32 -5.12
C ARG B 267 -29.78 6.60 -6.53
N GLY B 268 -30.63 7.15 -7.39
CA GLY B 268 -30.15 7.55 -8.71
C GLY B 268 -29.31 8.82 -8.58
N HIS B 269 -28.89 9.37 -9.71
CA HIS B 269 -28.09 10.59 -9.73
C HIS B 269 -28.83 11.75 -10.37
N GLY B 270 -28.37 12.95 -10.06
CA GLY B 270 -29.03 14.16 -10.59
C GLY B 270 -29.96 14.74 -9.54
N HIS B 271 -30.40 15.98 -9.78
CA HIS B 271 -31.30 16.64 -8.84
C HIS B 271 -32.57 15.82 -8.60
N GLU B 272 -33.21 15.37 -9.68
CA GLU B 272 -34.42 14.55 -9.56
C GLU B 272 -34.10 13.10 -9.20
N GLY B 273 -33.15 12.55 -9.95
CA GLY B 273 -32.72 11.16 -9.81
C GLY B 273 -32.39 10.79 -8.38
N ALA B 274 -31.64 11.64 -7.68
CA ALA B 274 -31.17 11.38 -6.33
C ALA B 274 -32.25 11.25 -5.27
N LYS B 275 -33.48 11.68 -5.57
CA LYS B 275 -34.58 11.58 -4.65
C LYS B 275 -35.20 10.18 -4.67
N HIS B 276 -34.87 9.38 -5.69
CA HIS B 276 -35.49 8.07 -5.83
C HIS B 276 -34.53 6.88 -5.83
N GLU B 277 -35.03 5.79 -5.26
CA GLU B 277 -34.18 4.59 -5.22
C GLU B 277 -34.02 4.03 -6.61
N ALA B 278 -32.82 3.59 -6.98
CA ALA B 278 -32.51 2.96 -8.25
C ALA B 278 -31.31 2.05 -8.00
N PRO B 279 -31.55 0.80 -7.64
CA PRO B 279 -30.54 -0.06 -7.06
C PRO B 279 -29.35 -0.44 -7.91
N ALA B 280 -29.42 -0.31 -9.22
CA ALA B 280 -28.25 -0.63 -10.04
C ALA B 280 -27.44 0.63 -10.34
N THR B 281 -27.84 1.79 -9.80
CA THR B 281 -27.14 3.03 -10.08
C THR B 281 -25.64 3.03 -9.84
N VAL B 282 -25.21 2.56 -8.67
CA VAL B 282 -23.78 2.58 -8.38
C VAL B 282 -23.01 1.62 -9.26
N LEU B 283 -23.52 0.39 -9.40
CA LEU B 283 -22.83 -0.58 -10.28
C LEU B 283 -22.66 -0.02 -11.69
N ASN B 284 -23.73 0.54 -12.25
CA ASN B 284 -23.69 1.13 -13.58
C ASN B 284 -22.72 2.31 -13.64
N SER B 285 -22.71 3.17 -12.62
CA SER B 285 -21.81 4.32 -12.65
C SER B 285 -20.36 3.94 -12.51
N LEU B 286 -20.06 2.89 -11.74
CA LEU B 286 -18.67 2.48 -11.58
C LEU B 286 -18.11 1.92 -12.87
N MET B 287 -18.95 1.27 -13.69
CA MET B 287 -18.44 0.80 -14.98
C MET B 287 -18.13 2.02 -15.85
N GLN B 288 -18.92 3.09 -15.72
CA GLN B 288 -18.64 4.27 -16.52
C GLN B 288 -17.36 4.98 -16.11
N VAL B 289 -17.09 5.12 -14.80
CA VAL B 289 -15.92 5.90 -14.38
C VAL B 289 -14.67 5.15 -14.06
N THR B 290 -14.69 3.80 -14.14
CA THR B 290 -13.45 3.05 -13.89
C THR B 290 -12.70 2.85 -15.20
N ARG B 291 -11.39 3.07 -15.18
CA ARG B 291 -10.65 2.92 -16.43
C ARG B 291 -10.60 1.45 -16.89
N VAL B 292 -10.29 1.31 -18.17
CA VAL B 292 -10.26 -0.05 -18.73
C VAL B 292 -9.24 -0.91 -17.99
N ALA B 293 -9.64 -2.19 -17.90
CA ALA B 293 -8.92 -3.23 -17.17
C ALA B 293 -8.90 -2.98 -15.66
N GLY B 294 -9.70 -2.04 -15.18
CA GLY B 294 -9.74 -1.75 -13.75
C GLY B 294 -10.54 -2.82 -13.00
N LYS B 295 -10.51 -2.67 -11.67
CA LYS B 295 -11.20 -3.59 -10.78
C LYS B 295 -12.20 -2.78 -9.95
N ILE B 296 -13.38 -3.36 -9.74
CA ILE B 296 -14.41 -2.65 -8.98
C ILE B 296 -14.64 -3.44 -7.72
N GLY B 297 -14.26 -2.87 -6.56
CA GLY B 297 -14.43 -3.61 -5.30
C GLY B 297 -15.81 -3.23 -4.78
N ILE B 298 -16.59 -4.24 -4.35
CA ILE B 298 -17.98 -4.03 -3.97
C ILE B 298 -18.31 -4.57 -2.59
N PRO B 299 -17.90 -3.85 -1.55
CA PRO B 299 -18.28 -4.15 -0.18
C PRO B 299 -19.74 -3.81 0.06
N GLY B 300 -20.35 -2.86 -0.63
CA GLY B 300 -21.76 -2.53 -0.44
C GLY B 300 -22.60 -3.82 -0.52
N LEU B 301 -23.56 -3.95 0.38
CA LEU B 301 -24.41 -5.15 0.41
C LEU B 301 -25.43 -5.26 -0.69
N TYR B 302 -25.51 -6.44 -1.32
CA TYR B 302 -26.59 -6.77 -2.25
C TYR B 302 -27.13 -8.10 -1.70
N VAL B 303 -28.45 -8.23 -1.63
CA VAL B 303 -29.06 -9.41 -1.01
C VAL B 303 -29.93 -10.20 -1.98
N THR B 304 -30.16 -11.47 -1.59
CA THR B 304 -31.02 -12.37 -2.36
C THR B 304 -32.50 -12.04 -2.26
N GLU B 305 -32.91 -11.39 -1.17
CA GLU B 305 -34.30 -10.99 -1.02
C GLU B 305 -34.35 -9.59 -0.38
N ASP B 306 -35.07 -8.68 -1.02
CA ASP B 306 -35.33 -7.35 -0.48
C ASP B 306 -36.83 -7.09 -0.60
N PRO B 307 -37.56 -7.33 0.49
CA PRO B 307 -39.01 -7.15 0.49
C PRO B 307 -39.51 -5.77 0.13
N GLY B 308 -38.72 -4.70 0.25
CA GLY B 308 -39.17 -3.37 -0.12
C GLY B 308 -38.59 -2.85 -1.41
N ALA B 309 -38.01 -3.67 -2.27
CA ALA B 309 -37.38 -3.19 -3.48
C ALA B 309 -38.31 -2.54 -4.49
N VAL B 310 -37.72 -1.82 -5.44
CA VAL B 310 -38.44 -1.06 -6.43
C VAL B 310 -39.31 -1.86 -7.37
N ASP B 311 -38.93 -3.09 -7.67
CA ASP B 311 -39.70 -3.93 -8.60
C ASP B 311 -39.56 -5.40 -8.24
N ALA B 312 -40.32 -6.23 -8.94
CA ALA B 312 -40.34 -7.67 -8.71
C ALA B 312 -38.94 -8.28 -8.82
N ALA B 313 -38.22 -7.92 -9.88
CA ALA B 313 -36.88 -8.43 -10.06
C ALA B 313 -35.97 -8.01 -8.91
N ALA B 314 -36.03 -6.77 -8.44
CA ALA B 314 -35.14 -6.33 -7.36
C ALA B 314 -35.47 -6.95 -6.03
N LYS B 315 -36.71 -7.40 -5.81
CA LYS B 315 -37.12 -8.06 -4.58
C LYS B 315 -36.43 -9.41 -4.43
N ILE B 316 -35.94 -9.94 -5.54
CA ILE B 316 -35.17 -11.18 -5.61
C ILE B 316 -33.71 -10.95 -5.91
N GLY B 317 -33.23 -9.71 -5.78
CA GLY B 317 -31.83 -9.38 -5.99
C GLY B 317 -31.39 -9.37 -7.43
N SER B 318 -32.33 -9.25 -8.35
CA SER B 318 -32.06 -9.20 -9.78
C SER B 318 -32.13 -7.74 -10.21
N LEU B 319 -31.03 -7.23 -10.74
CA LEU B 319 -30.89 -5.85 -11.13
C LEU B 319 -30.52 -5.71 -12.60
N SER B 320 -31.02 -4.62 -13.19
CA SER B 320 -30.69 -4.31 -14.58
C SER B 320 -29.39 -3.52 -14.57
N ILE B 321 -28.32 -4.28 -14.74
CA ILE B 321 -26.96 -3.80 -14.73
C ILE B 321 -26.45 -3.70 -16.16
N ARG B 322 -25.82 -2.59 -16.53
CA ARG B 322 -25.35 -2.46 -17.91
C ARG B 322 -24.04 -3.21 -18.05
N PHE B 323 -24.09 -4.53 -18.02
CA PHE B 323 -22.93 -5.39 -18.00
C PHE B 323 -22.08 -5.32 -19.26
N GLY B 324 -22.69 -5.03 -20.40
CA GLY B 324 -21.96 -4.91 -21.66
C GLY B 324 -20.91 -3.79 -21.60
N LEU B 325 -21.15 -2.71 -20.84
CA LEU B 325 -20.19 -1.63 -20.69
C LEU B 325 -18.96 -2.10 -19.91
N GLY B 326 -19.24 -2.75 -18.78
CA GLY B 326 -18.13 -3.28 -17.96
C GLY B 326 -17.35 -4.32 -18.75
N TRP B 327 -18.07 -5.16 -19.51
CA TRP B 327 -17.39 -6.16 -20.33
C TRP B 327 -16.52 -5.49 -21.38
N ALA B 328 -17.07 -4.50 -22.07
CA ALA B 328 -16.33 -3.77 -23.10
C ALA B 328 -15.07 -3.08 -22.59
N LYS B 329 -15.03 -2.76 -21.31
CA LYS B 329 -13.91 -2.12 -20.64
C LYS B 329 -13.08 -3.13 -19.88
N SER B 330 -13.38 -4.43 -19.99
CA SER B 330 -12.57 -5.44 -19.28
C SER B 330 -12.46 -5.13 -17.79
N HIS B 331 -13.63 -5.03 -17.16
CA HIS B 331 -13.66 -4.81 -15.72
C HIS B 331 -13.81 -6.14 -14.99
N SER B 332 -13.32 -6.17 -13.76
CA SER B 332 -13.58 -7.31 -12.90
C SER B 332 -14.36 -6.75 -11.70
N PHE B 333 -15.22 -7.60 -11.15
CA PHE B 333 -16.10 -7.27 -10.04
C PHE B 333 -15.86 -8.18 -8.84
N HIS B 334 -15.64 -7.55 -7.68
CA HIS B 334 -15.20 -8.32 -6.50
C HIS B 334 -16.27 -8.08 -5.45
N THR B 335 -16.90 -9.14 -4.95
CA THR B 335 -18.03 -8.93 -4.04
C THR B 335 -17.97 -9.77 -2.78
N GLY B 336 -18.88 -9.44 -1.88
CA GLY B 336 -19.12 -10.30 -0.73
C GLY B 336 -18.77 -9.72 0.63
N GLN B 337 -19.12 -10.53 1.64
CA GLN B 337 -18.83 -10.13 3.01
C GLN B 337 -17.32 -10.10 3.23
N THR B 338 -16.83 -9.08 3.93
CA THR B 338 -15.38 -9.02 4.12
C THR B 338 -14.85 -10.16 4.95
N PRO B 339 -13.74 -10.77 4.57
CA PRO B 339 -13.04 -11.76 5.40
C PRO B 339 -12.21 -10.93 6.39
N VAL B 340 -12.85 -10.48 7.48
CA VAL B 340 -12.16 -9.56 8.42
C VAL B 340 -10.84 -10.04 8.96
N MET B 341 -10.71 -11.33 9.29
CA MET B 341 -9.47 -11.89 9.79
C MET B 341 -8.28 -11.76 8.84
N LYS B 342 -8.49 -11.56 7.55
CA LYS B 342 -7.38 -11.44 6.63
C LYS B 342 -6.57 -10.17 6.89
N TYR B 343 -7.27 -9.13 7.38
CA TYR B 343 -6.63 -7.83 7.47
C TYR B 343 -6.59 -7.19 8.85
N ASN B 344 -7.35 -7.73 9.78
CA ASN B 344 -7.46 -7.05 11.08
C ASN B 344 -6.15 -6.92 11.84
N ARG B 345 -5.24 -7.87 11.84
CA ARG B 345 -4.02 -7.76 12.62
C ARG B 345 -3.11 -6.66 12.06
N ALA B 346 -2.94 -6.60 10.74
CA ALA B 346 -2.11 -5.52 10.19
C ALA B 346 -2.73 -4.15 10.39
N LEU B 347 -4.05 -4.08 10.32
CA LEU B 347 -4.74 -2.80 10.51
C LEU B 347 -4.66 -2.37 11.98
N MET B 348 -4.64 -3.36 12.88
CA MET B 348 -4.42 -3.06 14.29
C MET B 348 -3.04 -2.39 14.44
N GLN B 349 -2.01 -2.94 13.78
CA GLN B 349 -0.68 -2.33 13.90
C GLN B 349 -0.63 -0.95 13.25
N ALA B 350 -1.39 -0.74 12.19
CA ALA B 350 -1.44 0.59 11.56
C ALA B 350 -2.07 1.57 12.57
N ILE B 351 -3.09 1.16 13.29
CA ILE B 351 -3.71 2.06 14.26
C ILE B 351 -2.73 2.34 15.40
N MET B 352 -2.15 1.31 15.98
CA MET B 352 -1.28 1.47 17.14
C MET B 352 -0.05 2.32 16.84
N TRP B 353 0.44 2.31 15.59
CA TRP B 353 1.60 3.11 15.22
C TRP B 353 1.22 4.44 14.60
N ASP B 354 -0.02 4.85 14.77
CA ASP B 354 -0.52 6.14 14.29
C ASP B 354 -0.40 6.40 12.82
N ARG B 355 -0.67 5.36 12.00
CA ARG B 355 -0.63 5.52 10.56
C ARG B 355 -2.02 5.78 9.98
N ILE B 356 -3.07 5.67 10.80
CA ILE B 356 -4.41 5.91 10.25
C ILE B 356 -5.27 6.44 11.38
N ASN B 357 -6.06 7.46 11.14
CA ASN B 357 -6.87 8.04 12.23
C ASN B 357 -8.33 7.69 11.95
N ILE B 358 -8.63 6.39 12.05
CA ILE B 358 -9.92 5.89 11.55
C ILE B 358 -11.10 6.45 12.31
N ALA B 359 -11.03 6.56 13.63
CA ALA B 359 -12.17 7.12 14.38
C ALA B 359 -12.50 8.54 13.93
N GLU B 360 -11.47 9.35 13.73
CA GLU B 360 -11.76 10.72 13.26
C GLU B 360 -12.39 10.71 11.87
N VAL B 361 -11.83 9.89 10.96
CA VAL B 361 -12.33 9.85 9.61
C VAL B 361 -13.79 9.43 9.52
N VAL B 362 -14.19 8.41 10.28
CA VAL B 362 -15.56 7.92 10.17
C VAL B 362 -16.51 8.68 11.08
N GLY B 363 -16.00 9.57 11.94
CA GLY B 363 -16.89 10.35 12.81
C GLY B 363 -17.44 9.55 13.98
N VAL B 364 -16.59 8.79 14.64
CA VAL B 364 -17.05 8.01 15.79
C VAL B 364 -17.66 8.91 16.86
N GLN B 365 -18.83 8.53 17.33
CA GLN B 365 -19.48 9.21 18.44
C GLN B 365 -19.84 8.08 19.41
N VAL B 366 -19.31 8.11 20.62
CA VAL B 366 -19.55 7.09 21.62
C VAL B 366 -20.83 7.40 22.37
N ILE B 367 -21.71 6.42 22.55
CA ILE B 367 -23.01 6.59 23.21
C ILE B 367 -23.31 5.46 24.19
N SER B 368 -24.34 5.63 25.03
CA SER B 368 -24.67 4.52 25.92
C SER B 368 -25.59 3.54 25.19
N LEU B 369 -25.80 2.41 25.85
CA LEU B 369 -26.73 1.42 25.27
C LEU B 369 -28.14 1.95 25.26
N ASP B 370 -28.54 2.71 26.31
CA ASP B 370 -29.84 3.36 26.31
C ASP B 370 -30.02 4.36 25.17
N ASP B 371 -28.95 4.97 24.66
CA ASP B 371 -29.07 5.88 23.52
C ASP B 371 -28.99 5.18 22.17
N ALA B 372 -28.93 3.85 22.13
CA ALA B 372 -28.83 3.15 20.86
C ALA B 372 -29.97 3.41 19.91
N PRO B 373 -31.24 3.34 20.34
CA PRO B 373 -32.37 3.62 19.48
C PRO B 373 -32.30 5.03 18.93
N ARG B 374 -31.93 6.06 19.71
CA ARG B 374 -31.85 7.39 19.11
C ARG B 374 -30.65 7.43 18.14
N GLY B 375 -29.59 6.70 18.44
CA GLY B 375 -28.44 6.61 17.53
C GLY B 375 -28.88 6.03 16.19
N TYR B 376 -29.65 4.94 16.21
CA TYR B 376 -30.18 4.37 14.97
C TYR B 376 -30.96 5.42 14.18
N GLY B 377 -31.81 6.18 14.87
CA GLY B 377 -32.61 7.21 14.20
C GLY B 377 -31.77 8.31 13.59
N GLU B 378 -30.78 8.82 14.32
CA GLU B 378 -29.91 9.87 13.79
C GLU B 378 -29.12 9.32 12.60
N PHE B 379 -28.61 8.10 12.76
CA PHE B 379 -27.87 7.49 11.63
C PHE B 379 -28.78 7.33 10.43
N ASP B 380 -30.00 6.84 10.61
CA ASP B 380 -30.96 6.68 9.52
C ASP B 380 -31.26 8.00 8.83
N ALA B 381 -31.31 9.09 9.58
CA ALA B 381 -31.50 10.44 9.04
C ALA B 381 -30.29 10.99 8.32
N GLY B 382 -29.16 10.29 8.32
CA GLY B 382 -28.00 10.73 7.57
C GLY B 382 -26.91 11.43 8.33
N VAL B 383 -26.88 11.48 9.66
CA VAL B 383 -25.80 12.19 10.33
C VAL B 383 -24.47 11.56 9.94
N PRO B 384 -23.42 12.34 9.80
CA PRO B 384 -22.09 11.84 9.44
C PRO B 384 -21.33 11.36 10.65
N LYS B 385 -21.83 10.28 11.25
CA LYS B 385 -21.28 9.70 12.46
C LYS B 385 -21.28 8.17 12.37
N LYS B 386 -20.41 7.59 13.17
CA LYS B 386 -20.33 6.14 13.38
C LYS B 386 -20.60 5.94 14.86
N PHE B 387 -21.80 5.41 15.18
CA PHE B 387 -22.17 5.22 16.57
C PHE B 387 -21.53 4.00 17.22
N VAL B 388 -20.84 4.28 18.31
CA VAL B 388 -20.11 3.29 19.09
C VAL B 388 -20.71 3.24 20.49
N ILE B 389 -21.35 2.12 20.82
CA ILE B 389 -21.99 1.99 22.14
C ILE B 389 -20.98 1.49 23.14
N ASP B 390 -20.92 2.10 24.33
CA ASP B 390 -20.10 1.64 25.45
C ASP B 390 -21.10 1.19 26.51
N PRO B 391 -21.51 -0.08 26.46
CA PRO B 391 -22.56 -0.58 27.33
C PRO B 391 -22.33 -0.53 28.82
N HIS B 392 -21.12 -0.68 29.31
CA HIS B 392 -20.85 -0.65 30.74
C HIS B 392 -20.12 0.62 31.16
N LYS B 393 -20.07 1.60 30.27
CA LYS B 393 -19.33 2.83 30.51
C LYS B 393 -17.91 2.49 30.95
N THR B 394 -17.24 1.65 30.17
CA THR B 394 -15.90 1.19 30.46
C THR B 394 -14.81 2.21 30.19
N PHE B 395 -15.02 3.07 29.18
CA PHE B 395 -14.00 4.04 28.81
C PHE B 395 -14.54 5.44 28.59
N SER B 396 -15.86 5.60 28.55
CA SER B 396 -16.43 6.90 28.20
C SER B 396 -17.03 7.66 29.37
N ALA B 397 -16.67 7.32 30.61
CA ALA B 397 -17.15 8.08 31.75
C ALA B 397 -16.73 9.54 31.63
ZN ZN C . 21.43 3.51 -10.01
ZN ZN D . 13.31 -6.03 -24.55
S SO4 E . 24.67 -8.68 14.87
O1 SO4 E . 23.74 -9.44 15.77
O2 SO4 E . 26.08 -8.93 15.34
O3 SO4 E . 24.34 -7.22 14.91
O4 SO4 E . 24.54 -9.19 13.46
PA NAD F . 25.35 3.73 -0.87
O1A NAD F . 25.29 5.22 -0.82
O2A NAD F . 26.69 3.16 -1.12
O5B NAD F . 24.64 3.14 0.39
C5B NAD F . 24.94 1.84 0.99
C4B NAD F . 24.88 2.01 2.49
O4B NAD F . 25.01 0.69 3.10
C3B NAD F . 26.04 2.87 3.10
O3B NAD F . 25.49 3.99 3.81
C2B NAD F . 26.77 1.88 3.98
O2B NAD F . 27.39 2.43 5.16
C1B NAD F . 25.68 0.87 4.33
N9A NAD F . 26.12 -0.43 4.84
C8A NAD F . 27.28 -1.13 4.65
N7A NAD F . 27.27 -2.29 5.32
C5A NAD F . 26.07 -2.33 5.97
C6A NAD F . 25.47 -3.28 6.81
N6A NAD F . 26.04 -4.44 7.18
N1A NAD F . 24.25 -3.00 7.28
C2A NAD F . 23.63 -1.82 6.93
N3A NAD F . 24.10 -0.88 6.16
C4A NAD F . 25.34 -1.19 5.70
O3 NAD F . 24.38 3.22 -2.07
PN NAD F . 22.92 3.55 -2.56
O1N NAD F . 22.91 4.58 -3.62
O2N NAD F . 22.02 3.81 -1.45
O5D NAD F . 22.62 2.10 -3.27
C5D NAD F . 22.47 1.00 -2.33
C4D NAD F . 22.66 -0.30 -3.12
O4D NAD F . 21.61 -0.35 -4.13
C3D NAD F . 23.97 -0.35 -3.92
O3D NAD F . 24.45 -1.70 -3.87
C2D NAD F . 23.54 0.07 -5.32
O2D NAD F . 24.43 -0.41 -6.31
C1D NAD F . 22.20 -0.71 -5.38
N1N NAD F . 21.29 -0.19 -6.41
C2N NAD F . 20.50 -1.17 -6.96
C3N NAD F . 19.55 -0.84 -7.87
C7N NAD F . 18.62 -1.91 -8.54
O7N NAD F . 17.96 -1.58 -9.52
N7N NAD F . 18.55 -3.10 -7.94
C4N NAD F . 19.23 0.48 -8.24
C5N NAD F . 20.01 1.41 -7.53
C6N NAD F . 21.07 1.16 -6.69
ZN ZN G . -21.45 -4.34 9.51
ZN ZN H . -15.33 -22.58 8.62
S SO4 I . -24.48 10.66 -13.83
O1 SO4 I . -24.55 9.19 -13.49
O2 SO4 I . -23.94 11.40 -12.65
O3 SO4 I . -25.87 11.14 -14.17
O4 SO4 I . -23.62 10.86 -15.03
PA NAD J . -24.72 3.92 5.10
O1A NAD J . -24.56 4.68 6.34
O2A NAD J . -26.12 3.57 4.74
O5B NAD J . -24.03 4.63 3.87
C5B NAD J . -24.40 4.48 2.48
C4B NAD J . -24.28 5.85 1.83
O4B NAD J . -24.55 5.66 0.42
C3B NAD J . -25.33 6.89 2.30
O3B NAD J . -24.66 7.97 2.91
C2B NAD J . -26.12 7.25 1.07
O2B NAD J . -26.59 8.58 0.95
C1B NAD J . -25.14 6.89 -0.03
N9A NAD J . -25.65 6.71 -1.37
C8A NAD J . -26.87 6.30 -1.82
N7A NAD J . -26.95 6.23 -3.14
C5A NAD J . -25.70 6.62 -3.58
C6A NAD J . -25.15 6.77 -4.86
N6A NAD J . -25.79 6.56 -6.01
N1A NAD J . -23.85 7.18 -4.92
C2A NAD J . -23.19 7.43 -3.76
N3A NAD J . -23.60 7.35 -2.53
C4A NAD J . -24.89 6.93 -2.51
O3 NAD J . -23.90 2.54 5.22
PN NAD J . -22.45 2.11 5.71
O1N NAD J . -22.42 1.79 7.13
O2N NAD J . -21.48 3.15 5.30
O5D NAD J . -22.30 0.74 4.84
C5D NAD J . -22.23 0.90 3.42
C4D NAD J . -22.62 -0.42 2.77
O4D NAD J . -21.66 -1.43 3.20
C3D NAD J . -24.00 -0.95 3.19
O3D NAD J . -24.64 -1.55 2.06
C2D NAD J . -23.64 -1.99 4.25
O2D NAD J . -24.67 -2.99 4.37
C1D NAD J . -22.41 -2.62 3.56
N1N NAD J . -21.50 -3.34 4.44
C2N NAD J . -20.84 -4.38 3.86
C3N NAD J . -19.89 -5.04 4.58
C7N NAD J . -19.07 -6.24 4.00
O7N NAD J . -18.43 -6.95 4.77
N7N NAD J . -19.11 -6.39 2.68
C4N NAD J . -19.49 -4.69 5.89
C5N NAD J . -20.18 -3.56 6.37
C6N NAD J . -21.16 -2.88 5.73
#